data_9CJG
#
_entry.id   9CJG
#
_cell.length_a   53.130
_cell.length_b   59.650
_cell.length_c   233.800
_cell.angle_alpha   90.000
_cell.angle_beta   90.000
_cell.angle_gamma   90.000
#
_symmetry.space_group_name_H-M   'P 21 21 21'
#
loop_
_entity.id
_entity.type
_entity.pdbx_description
1 polymer 'Cytochrome P450-G9'
2 non-polymer 'PROTOPORPHYRIN IX CONTAINING FE'
3 non-polymer 'FORMIC ACID'
4 non-polymer 1-BUTANOL
5 water water
#
_entity_poly.entity_id   1
_entity_poly.type   'polypeptide(L)'
_entity_poly.pdbx_seq_one_letter_code
;MGSSHHHHHHSSGLVPRGSHMSELFGRAFHVDPYPIYARLRAGGGIRQVSTPDGAAAWVVTRYDDVRAGLADPRLSVDRS
NAGAGYRGFSLPPALDANLLNLDPPDHTRLRTLIAGEFTPRRVHELVPAIEAAARELLAGLPSGEPVDLIAGFAAPLPLR
VIGDLLGVPPADRARFRGWTTTLLTPGPDQPPTAARDAVVAMHGFLVDLVAAKRAEPGHDLLSGLIAVRDDEDRLSEAEL
VSMAFLALWAGYENLVHLIGNGVRALLAAPDQLADLRSDEALLPRAIEELTRFDQPLQWAIRRFPTRELDIAGVEVPAGD
TVLLGIASANHDETVFDLPDTLDLRRDPNPHLSYGHGIHRSFGSRLSQAEAAAAFSALLARGFRAAVDLADLQWQPSFRN
RGLTELPLLLG
;
_entity_poly.pdbx_strand_id   A,B
#
loop_
_chem_comp.id
_chem_comp.type
_chem_comp.name
_chem_comp.formula
1BO non-polymer 1-BUTANOL 'C4 H10 O'
FMT non-polymer 'FORMIC ACID' 'C H2 O2'
HEM non-polymer 'PROTOPORPHYRIN IX CONTAINING FE' 'C34 H32 Fe N4 O4'
#
# COMPACT_ATOMS: atom_id res chain seq x y z
N LEU A 24 10.90 15.19 -18.07
CA LEU A 24 9.68 15.77 -17.55
C LEU A 24 9.53 15.50 -16.05
N PHE A 25 8.85 14.40 -15.72
CA PHE A 25 8.66 14.01 -14.33
C PHE A 25 9.47 12.77 -13.97
N GLY A 26 10.62 12.60 -14.61
CA GLY A 26 11.50 11.46 -14.37
C GLY A 26 12.74 11.80 -13.56
N ARG A 27 13.89 11.35 -14.04
CA ARG A 27 15.13 11.44 -13.25
C ARG A 27 15.45 12.89 -12.89
N ALA A 28 15.41 13.80 -13.87
CA ALA A 28 15.67 15.20 -13.58
C ALA A 28 14.71 15.74 -12.53
N PHE A 29 13.43 15.36 -12.62
CA PHE A 29 12.44 15.81 -11.66
C PHE A 29 12.74 15.30 -10.26
N HIS A 30 13.25 14.07 -10.15
CA HIS A 30 13.50 13.49 -8.83
C HIS A 30 14.75 14.09 -8.20
N VAL A 31 15.77 14.39 -9.01
CA VAL A 31 16.97 15.00 -8.48
C VAL A 31 16.73 16.47 -8.12
N ASP A 32 16.09 17.21 -9.02
CA ASP A 32 15.73 18.59 -8.74
C ASP A 32 14.52 19.00 -9.59
N PRO A 33 13.35 19.19 -8.96
CA PRO A 33 12.15 19.48 -9.74
C PRO A 33 11.98 20.93 -10.13
N TYR A 34 12.72 21.85 -9.52
CA TYR A 34 12.46 23.27 -9.71
C TYR A 34 12.78 23.80 -11.11
N PRO A 35 13.74 23.24 -11.87
CA PRO A 35 13.86 23.67 -13.27
C PRO A 35 12.66 23.27 -14.12
N ILE A 36 12.04 22.13 -13.81
CA ILE A 36 10.83 21.73 -14.53
C ILE A 36 9.66 22.62 -14.15
N TYR A 37 9.51 22.91 -12.85
CA TYR A 37 8.48 23.88 -12.45
C TYR A 37 8.67 25.21 -13.14
N ALA A 38 9.92 25.67 -13.29
CA ALA A 38 10.16 26.93 -13.96
C ALA A 38 9.68 26.91 -15.40
N ARG A 39 9.89 25.78 -16.09
CA ARG A 39 9.38 25.65 -17.46
C ARG A 39 7.86 25.67 -17.49
N LEU A 40 7.23 25.03 -16.51
CA LEU A 40 5.77 24.98 -16.46
C LEU A 40 5.19 26.36 -16.19
N ARG A 41 5.80 27.13 -15.27
CA ARG A 41 5.32 28.50 -15.07
C ARG A 41 5.58 29.36 -16.29
N ALA A 42 6.73 29.17 -16.95
CA ALA A 42 7.04 29.93 -18.16
C ALA A 42 6.08 29.62 -19.29
N GLY A 43 5.52 28.40 -19.30
CA GLY A 43 4.55 27.99 -20.29
C GLY A 43 3.14 28.44 -20.03
N GLY A 44 2.92 29.29 -19.02
CA GLY A 44 1.59 29.78 -18.69
C GLY A 44 1.07 29.34 -17.35
N GLY A 45 1.68 28.33 -16.72
CA GLY A 45 1.27 27.94 -15.39
C GLY A 45 0.16 26.91 -15.31
N ILE A 46 -0.31 26.38 -16.44
CA ILE A 46 -1.28 25.28 -16.41
C ILE A 46 -1.04 24.40 -17.63
N ARG A 47 -0.97 23.09 -17.39
CA ARG A 47 -0.76 22.13 -18.47
C ARG A 47 -1.44 20.83 -18.08
N GLN A 48 -2.03 20.16 -19.07
CA GLN A 48 -2.54 18.81 -18.86
C GLN A 48 -1.42 17.82 -19.14
N VAL A 49 -1.06 17.03 -18.14
CA VAL A 49 -0.01 16.03 -18.25
C VAL A 49 -0.65 14.65 -18.24
N SER A 50 0.06 13.68 -18.82
CA SER A 50 -0.48 12.34 -18.97
C SER A 50 0.57 11.29 -18.64
N THR A 51 0.14 10.22 -17.98
CA THR A 51 1.01 9.08 -17.71
C THR A 51 1.12 8.23 -18.96
N PRO A 52 2.07 7.28 -18.99
CA PRO A 52 2.15 6.38 -20.14
C PRO A 52 0.92 5.50 -20.33
N ASP A 53 0.06 5.37 -19.33
CA ASP A 53 -1.18 4.63 -19.45
C ASP A 53 -2.37 5.49 -19.87
N GLY A 54 -2.18 6.81 -20.00
CA GLY A 54 -3.24 7.70 -20.43
C GLY A 54 -3.97 8.42 -19.33
N ALA A 55 -3.55 8.25 -18.07
CA ALA A 55 -4.13 9.02 -16.97
C ALA A 55 -3.69 10.48 -17.06
N ALA A 56 -4.63 11.41 -16.92
CA ALA A 56 -4.34 12.81 -17.13
C ALA A 56 -4.73 13.66 -15.93
N ALA A 57 -3.98 14.74 -15.73
CA ALA A 57 -4.26 15.71 -14.69
C ALA A 57 -3.71 17.06 -15.12
N TRP A 58 -4.30 18.13 -14.58
CA TRP A 58 -3.82 19.48 -14.81
C TRP A 58 -2.84 19.84 -13.70
N VAL A 59 -1.64 20.28 -14.08
CA VAL A 59 -0.65 20.77 -13.11
C VAL A 59 -0.65 22.29 -13.16
N VAL A 60 -0.84 22.90 -11.98
CA VAL A 60 -0.92 24.34 -11.82
C VAL A 60 0.29 24.78 -11.02
N THR A 61 1.05 25.74 -11.54
CA THR A 61 2.40 25.98 -11.04
C THR A 61 2.72 27.40 -10.61
N ARG A 62 1.91 28.40 -10.96
CA ARG A 62 2.18 29.77 -10.55
C ARG A 62 1.59 30.08 -9.18
N TYR A 63 2.32 30.87 -8.39
CA TYR A 63 1.91 31.21 -7.03
C TYR A 63 0.47 31.69 -6.95
N ASP A 64 0.12 32.68 -7.78
CA ASP A 64 -1.21 33.28 -7.71
C ASP A 64 -2.30 32.24 -7.90
N ASP A 65 -2.11 31.33 -8.86
CA ASP A 65 -3.14 30.33 -9.15
C ASP A 65 -3.14 29.22 -8.12
N VAL A 66 -1.96 28.84 -7.61
CA VAL A 66 -1.90 27.85 -6.55
C VAL A 66 -2.54 28.37 -5.28
N ARG A 67 -2.25 29.62 -4.91
CA ARG A 67 -2.84 30.20 -3.72
C ARG A 67 -4.34 30.30 -3.84
N ALA A 68 -4.83 30.88 -4.93
CA ALA A 68 -6.27 30.97 -5.13
C ALA A 68 -6.91 29.59 -5.17
N GLY A 69 -6.27 28.65 -5.86
CA GLY A 69 -6.84 27.32 -5.96
C GLY A 69 -7.01 26.63 -4.62
N LEU A 70 -5.98 26.71 -3.76
CA LEU A 70 -6.00 26.02 -2.49
C LEU A 70 -7.28 26.32 -1.70
N ALA A 71 -7.72 27.57 -1.72
CA ALA A 71 -8.85 28.01 -0.91
C ALA A 71 -10.16 28.06 -1.67
N ASP A 72 -10.15 27.91 -2.98
CA ASP A 72 -11.33 28.08 -3.81
C ASP A 72 -12.44 27.11 -3.42
N PRO A 73 -13.61 27.60 -2.99
CA PRO A 73 -14.71 26.69 -2.66
C PRO A 73 -15.24 25.91 -3.84
N ARG A 74 -14.88 26.27 -5.07
CA ARG A 74 -15.32 25.56 -6.25
C ARG A 74 -14.37 24.44 -6.65
N LEU A 75 -13.33 24.21 -5.85
CA LEU A 75 -12.35 23.15 -6.11
C LEU A 75 -12.50 22.14 -4.97
N SER A 76 -13.11 21.00 -5.25
CA SER A 76 -13.49 20.06 -4.21
C SER A 76 -12.42 18.98 -4.01
N VAL A 77 -12.37 18.43 -2.80
CA VAL A 77 -11.50 17.29 -2.52
C VAL A 77 -12.29 15.98 -2.50
N ASP A 78 -13.58 16.04 -2.80
CA ASP A 78 -14.49 14.91 -2.68
C ASP A 78 -14.59 14.19 -4.02
N ARG A 79 -14.15 12.93 -4.08
CA ARG A 79 -14.13 12.20 -5.34
C ARG A 79 -15.51 12.05 -5.96
N SER A 80 -16.58 12.29 -5.21
CA SER A 80 -17.92 12.28 -5.79
C SER A 80 -18.03 13.30 -6.92
N ASN A 81 -17.21 14.36 -6.88
CA ASN A 81 -17.22 15.40 -7.91
C ASN A 81 -16.20 15.15 -9.03
N ALA A 82 -15.50 14.02 -9.02
CA ALA A 82 -14.56 13.73 -10.09
C ALA A 82 -15.28 13.15 -11.29
N GLY A 83 -14.74 13.43 -12.48
CA GLY A 83 -15.31 12.96 -13.73
C GLY A 83 -14.75 11.61 -14.16
N ALA A 84 -15.14 11.21 -15.37
CA ALA A 84 -14.84 9.85 -15.83
C ALA A 84 -13.35 9.62 -16.04
N GLY A 85 -12.59 10.68 -16.28
CA GLY A 85 -11.15 10.55 -16.45
C GLY A 85 -10.36 10.42 -15.16
N TYR A 86 -11.03 10.31 -14.02
CA TYR A 86 -10.33 10.27 -12.74
C TYR A 86 -9.53 8.99 -12.59
N ARG A 87 -8.24 9.13 -12.22
CA ARG A 87 -7.35 7.99 -12.09
C ARG A 87 -6.56 8.00 -10.79
N GLY A 88 -6.82 8.94 -9.89
CA GLY A 88 -6.23 8.90 -8.56
C GLY A 88 -4.87 9.53 -8.38
N PHE A 89 -4.63 10.70 -8.99
CA PHE A 89 -3.45 11.48 -8.67
C PHE A 89 -3.58 12.11 -7.30
N SER A 90 -2.44 12.24 -6.61
CA SER A 90 -2.29 12.98 -5.35
C SER A 90 -3.48 12.75 -4.42
N LEU A 91 -3.64 11.49 -4.02
CA LEU A 91 -4.79 11.07 -3.26
C LEU A 91 -4.76 11.63 -1.84
N PRO A 92 -5.91 11.74 -1.20
CA PRO A 92 -5.94 12.08 0.21
C PRO A 92 -5.18 11.05 1.01
N PRO A 93 -4.50 11.47 2.08
CA PRO A 93 -3.57 10.58 2.78
C PRO A 93 -4.22 9.63 3.76
N ALA A 94 -5.47 9.22 3.53
CA ALA A 94 -6.11 8.29 4.44
C ALA A 94 -7.30 7.64 3.77
N LEU A 95 -7.60 6.42 4.21
CA LEU A 95 -8.80 5.72 3.82
C LEU A 95 -9.99 6.28 4.59
N ASP A 96 -11.19 6.01 4.08
CA ASP A 96 -12.43 6.46 4.70
C ASP A 96 -12.51 7.98 4.75
N ALA A 97 -13.57 8.50 5.35
CA ALA A 97 -13.79 9.93 5.39
C ALA A 97 -12.77 10.60 6.31
N ASN A 98 -12.14 11.66 5.81
CA ASN A 98 -11.15 12.39 6.56
C ASN A 98 -11.18 13.85 6.10
N LEU A 99 -10.44 14.69 6.83
CA LEU A 99 -10.43 16.12 6.54
C LEU A 99 -10.09 16.41 5.08
N LEU A 100 -9.24 15.60 4.47
CA LEU A 100 -8.72 15.91 3.13
C LEU A 100 -9.46 15.19 2.00
N ASN A 101 -10.60 14.56 2.26
CA ASN A 101 -11.45 14.07 1.19
C ASN A 101 -12.91 14.51 1.35
N LEU A 102 -13.14 15.54 2.15
CA LEU A 102 -14.48 16.04 2.46
C LEU A 102 -14.52 17.55 2.23
N ASP A 103 -15.64 18.02 1.71
CA ASP A 103 -15.94 19.43 1.57
C ASP A 103 -16.90 19.87 2.66
N PRO A 104 -17.06 21.18 2.85
CA PRO A 104 -18.12 21.65 3.74
C PRO A 104 -19.48 21.16 3.25
N PRO A 105 -20.40 20.90 4.17
CA PRO A 105 -20.35 21.11 5.61
C PRO A 105 -19.72 19.96 6.38
N ASP A 106 -19.53 18.79 5.76
CA ASP A 106 -18.95 17.66 6.47
C ASP A 106 -17.53 17.97 6.95
N HIS A 107 -16.76 18.68 6.11
CA HIS A 107 -15.41 19.06 6.52
C HIS A 107 -15.45 19.99 7.74
N THR A 108 -16.40 20.93 7.76
CA THR A 108 -16.48 21.89 8.85
C THR A 108 -16.73 21.19 10.18
N ARG A 109 -17.52 20.12 10.18
CA ARG A 109 -17.78 19.40 11.42
C ARG A 109 -16.50 18.73 11.94
N LEU A 110 -15.82 17.96 11.09
CA LEU A 110 -14.59 17.30 11.51
C LEU A 110 -13.55 18.31 11.99
N ARG A 111 -13.37 19.39 11.23
CA ARG A 111 -12.37 20.38 11.59
C ARG A 111 -12.67 20.99 12.96
N THR A 112 -13.93 21.35 13.20
CA THR A 112 -14.29 21.93 14.48
C THR A 112 -14.06 20.96 15.62
N LEU A 113 -14.41 19.69 15.41
CA LEU A 113 -14.21 18.67 16.44
C LEU A 113 -12.73 18.46 16.74
N ILE A 114 -11.91 18.31 15.70
CA ILE A 114 -10.50 18.03 15.91
C ILE A 114 -9.78 19.26 16.46
N ALA A 115 -10.16 20.45 16.01
CA ALA A 115 -9.51 21.67 16.50
C ALA A 115 -9.72 21.87 17.99
N GLY A 116 -10.73 21.23 18.58
CA GLY A 116 -10.97 21.36 20.01
C GLY A 116 -9.91 20.73 20.88
N GLU A 117 -9.12 19.82 20.33
CA GLU A 117 -8.02 19.18 21.05
C GLU A 117 -6.66 19.41 20.41
N PHE A 118 -6.60 19.51 19.09
CA PHE A 118 -5.37 19.86 18.36
C PHE A 118 -5.19 21.38 18.44
N THR A 119 -4.60 21.83 19.55
CA THR A 119 -4.53 23.25 19.86
C THR A 119 -3.09 23.73 19.94
N PRO A 120 -2.86 25.04 19.72
CA PRO A 120 -1.51 25.59 19.93
C PRO A 120 -0.98 25.36 21.34
N ARG A 121 -1.87 25.30 22.34
CA ARG A 121 -1.40 25.03 23.70
C ARG A 121 -0.89 23.61 23.83
N ARG A 122 -1.55 22.65 23.19
CA ARG A 122 -1.05 21.28 23.18
C ARG A 122 0.36 21.22 22.61
N VAL A 123 0.59 21.89 21.49
CA VAL A 123 1.91 21.89 20.87
C VAL A 123 2.92 22.56 21.80
N HIS A 124 2.56 23.72 22.35
CA HIS A 124 3.43 24.43 23.27
C HIS A 124 3.87 23.54 24.42
N GLU A 125 2.93 22.77 24.99
CA GLU A 125 3.24 21.95 26.15
C GLU A 125 4.07 20.72 25.79
N LEU A 126 4.17 20.38 24.51
CA LEU A 126 5.02 19.28 24.07
C LEU A 126 6.45 19.71 23.80
N VAL A 127 6.68 21.01 23.63
CA VAL A 127 8.01 21.50 23.20
C VAL A 127 9.14 21.02 24.11
N PRO A 128 9.04 21.10 25.43
CA PRO A 128 10.16 20.60 26.25
C PRO A 128 10.48 19.13 26.01
N ALA A 129 9.45 18.30 25.82
CA ALA A 129 9.70 16.89 25.52
C ALA A 129 10.31 16.73 24.12
N ILE A 130 9.83 17.50 23.14
CA ILE A 130 10.39 17.43 21.80
C ILE A 130 11.87 17.78 21.82
N GLU A 131 12.23 18.87 22.52
CA GLU A 131 13.62 19.32 22.50
C GLU A 131 14.52 18.30 23.19
N ALA A 132 14.08 17.75 24.33
CA ALA A 132 14.87 16.73 25.01
C ALA A 132 15.03 15.48 24.13
N ALA A 133 13.96 15.06 23.45
CA ALA A 133 14.05 13.89 22.59
C ALA A 133 15.07 14.08 21.49
N ALA A 134 15.10 15.28 20.88
CA ALA A 134 16.08 15.56 19.84
C ALA A 134 17.50 15.48 20.38
N ARG A 135 17.76 16.08 21.55
CA ARG A 135 19.10 16.00 22.13
C ARG A 135 19.48 14.56 22.43
N GLU A 136 18.55 13.79 23.00
CA GLU A 136 18.84 12.40 23.37
C GLU A 136 19.12 11.54 22.14
N LEU A 137 18.34 11.73 21.08
CA LEU A 137 18.52 10.93 19.86
C LEU A 137 19.87 11.22 19.23
N LEU A 138 20.20 12.51 19.07
CA LEU A 138 21.48 12.88 18.48
C LEU A 138 22.64 12.42 19.35
N ALA A 139 22.47 12.49 20.68
CA ALA A 139 23.52 12.06 21.59
C ALA A 139 23.78 10.56 21.50
N GLY A 140 22.81 9.78 21.02
CA GLY A 140 23.02 8.36 20.80
C GLY A 140 23.79 8.05 19.53
N LEU A 141 24.18 9.07 18.79
CA LEU A 141 24.89 8.88 17.53
C LEU A 141 26.36 9.21 17.72
N PRO A 142 27.27 8.39 17.22
CA PRO A 142 28.70 8.62 17.49
C PRO A 142 29.24 9.82 16.72
N SER A 143 30.35 10.35 17.20
CA SER A 143 31.07 11.43 16.55
C SER A 143 32.24 10.89 15.75
N GLY A 144 32.60 11.59 14.69
CA GLY A 144 33.75 11.23 13.88
C GLY A 144 33.60 9.94 13.10
N GLU A 145 32.36 9.62 12.77
CA GLU A 145 32.06 8.34 12.09
C GLU A 145 30.83 8.60 11.21
N PRO A 146 30.86 8.18 9.94
CA PRO A 146 29.73 8.37 9.06
C PRO A 146 28.43 7.87 9.72
N VAL A 147 27.44 8.75 9.83
CA VAL A 147 26.12 8.38 10.43
C VAL A 147 25.01 8.84 9.46
N ASP A 148 23.97 8.04 9.30
CA ASP A 148 22.87 8.44 8.43
C ASP A 148 21.90 9.31 9.23
N LEU A 149 21.79 10.57 8.82
CA LEU A 149 20.91 11.52 9.49
C LEU A 149 19.46 11.06 9.46
N ILE A 150 19.03 10.43 8.36
CA ILE A 150 17.63 10.04 8.21
C ILE A 150 17.26 8.95 9.20
N ALA A 151 17.92 7.80 9.12
CA ALA A 151 17.56 6.70 10.01
C ALA A 151 17.97 6.97 11.46
N GLY A 152 18.97 7.82 11.68
CA GLY A 152 19.47 8.04 13.02
C GLY A 152 18.81 9.18 13.77
N PHE A 153 18.24 10.14 13.04
CA PHE A 153 17.74 11.34 13.69
C PHE A 153 16.45 11.87 13.07
N ALA A 154 16.50 12.17 11.77
CA ALA A 154 15.37 12.84 11.12
C ALA A 154 14.11 11.97 11.11
N ALA A 155 14.27 10.65 11.13
CA ALA A 155 13.07 9.81 11.20
C ALA A 155 12.71 9.48 12.65
N PRO A 156 13.66 9.08 13.51
CA PRO A 156 13.27 8.75 14.89
C PRO A 156 12.59 9.89 15.63
N LEU A 157 13.00 11.13 15.41
CA LEU A 157 12.44 12.24 16.18
C LEU A 157 10.96 12.44 15.91
N PRO A 158 10.51 12.66 14.66
CA PRO A 158 9.06 12.75 14.42
C PRO A 158 8.31 11.49 14.82
N LEU A 159 8.91 10.32 14.59
CA LEU A 159 8.27 9.07 14.98
C LEU A 159 8.00 9.05 16.48
N ARG A 160 8.98 9.49 17.27
CA ARG A 160 8.80 9.57 18.72
C ARG A 160 7.69 10.56 19.07
N VAL A 161 7.69 11.73 18.43
CA VAL A 161 6.71 12.76 18.77
C VAL A 161 5.30 12.31 18.40
N ILE A 162 5.14 11.75 17.19
CA ILE A 162 3.81 11.32 16.77
C ILE A 162 3.34 10.14 17.61
N GLY A 163 4.27 9.30 18.09
CA GLY A 163 3.89 8.25 19.02
C GLY A 163 3.36 8.81 20.32
N ASP A 164 4.06 9.80 20.90
CA ASP A 164 3.56 10.49 22.08
C ASP A 164 2.21 11.15 21.82
N LEU A 165 2.06 11.78 20.65
CA LEU A 165 0.80 12.47 20.35
C LEU A 165 -0.36 11.49 20.27
N LEU A 166 -0.13 10.31 19.71
CA LEU A 166 -1.16 9.30 19.58
C LEU A 166 -1.26 8.37 20.78
N GLY A 167 -0.41 8.57 21.80
CA GLY A 167 -0.48 7.77 23.00
C GLY A 167 -0.08 6.32 22.83
N VAL A 168 0.90 6.04 21.97
CA VAL A 168 1.34 4.67 21.74
C VAL A 168 2.03 4.16 23.00
N PRO A 169 1.58 3.03 23.55
CA PRO A 169 2.22 2.52 24.77
C PRO A 169 3.60 1.98 24.47
N PRO A 170 4.50 1.97 25.45
CA PRO A 170 5.88 1.53 25.18
C PRO A 170 5.98 0.12 24.62
N ALA A 171 5.06 -0.78 25.00
CA ALA A 171 5.10 -2.14 24.46
C ALA A 171 4.77 -2.18 22.96
N ASP A 172 4.07 -1.17 22.45
CA ASP A 172 3.66 -1.12 21.06
C ASP A 172 4.56 -0.24 20.20
N ARG A 173 5.59 0.38 20.79
CA ARG A 173 6.38 1.33 20.02
C ARG A 173 7.19 0.64 18.93
N ALA A 174 7.68 -0.57 19.20
CA ALA A 174 8.50 -1.27 18.22
C ALA A 174 7.71 -1.60 16.97
N ARG A 175 6.52 -2.19 17.14
CA ARG A 175 5.71 -2.54 15.98
C ARG A 175 5.26 -1.29 15.25
N PHE A 176 4.88 -0.25 16.00
CA PHE A 176 4.51 1.04 15.43
C PHE A 176 5.62 1.60 14.56
N ARG A 177 6.85 1.65 15.08
CA ARG A 177 7.98 2.16 14.30
C ARG A 177 8.17 1.34 13.03
N GLY A 178 8.15 0.01 13.14
CA GLY A 178 8.38 -0.83 11.97
C GLY A 178 7.36 -0.61 10.88
N TRP A 179 6.08 -0.51 11.25
CA TRP A 179 5.05 -0.37 10.24
C TRP A 179 4.96 1.05 9.70
N THR A 180 5.08 2.06 10.56
CA THR A 180 5.13 3.44 10.07
C THR A 180 6.25 3.64 9.06
N THR A 181 7.44 3.12 9.35
CA THR A 181 8.56 3.29 8.44
C THR A 181 8.34 2.54 7.13
N THR A 182 7.83 1.32 7.20
CA THR A 182 7.52 0.57 6.00
C THR A 182 6.40 1.23 5.20
N LEU A 183 5.46 1.86 5.90
CA LEU A 183 4.32 2.51 5.23
C LEU A 183 4.73 3.78 4.52
N LEU A 184 5.55 4.61 5.17
CA LEU A 184 5.72 6.01 4.77
C LEU A 184 7.14 6.38 4.36
N THR A 185 8.17 5.73 4.90
CA THR A 185 9.54 5.96 4.48
C THR A 185 10.16 4.63 4.01
N PRO A 186 9.68 4.08 2.90
CA PRO A 186 10.22 2.81 2.42
C PRO A 186 11.66 2.95 1.95
N GLY A 187 12.42 1.88 2.10
CA GLY A 187 13.72 1.79 1.48
C GLY A 187 13.56 1.73 -0.03
N PRO A 188 14.54 2.26 -0.76
CA PRO A 188 14.43 2.25 -2.24
C PRO A 188 14.30 0.84 -2.81
N ASP A 189 14.90 -0.15 -2.15
CA ASP A 189 14.78 -1.55 -2.54
C ASP A 189 13.87 -2.32 -1.59
N GLN A 190 12.86 -1.66 -1.04
CA GLN A 190 11.82 -2.35 -0.30
C GLN A 190 10.91 -3.08 -1.29
N PRO A 191 10.43 -4.27 -0.97
CA PRO A 191 9.46 -4.94 -1.83
C PRO A 191 8.26 -4.06 -2.11
N PRO A 192 7.81 -3.96 -3.36
CA PRO A 192 6.72 -3.03 -3.68
C PRO A 192 5.42 -3.36 -2.97
N THR A 193 5.27 -4.55 -2.42
CA THR A 193 4.07 -4.94 -1.70
C THR A 193 4.11 -4.60 -0.23
N ALA A 194 5.29 -4.31 0.31
CA ALA A 194 5.43 -4.13 1.75
C ALA A 194 4.63 -2.95 2.26
N ALA A 195 4.67 -1.82 1.54
CA ALA A 195 3.93 -0.64 1.98
C ALA A 195 2.42 -0.88 1.91
N ARG A 196 1.97 -1.62 0.89
CA ARG A 196 0.56 -2.01 0.83
C ARG A 196 0.16 -2.81 2.06
N ASP A 197 0.94 -3.83 2.38
CA ASP A 197 0.65 -4.63 3.58
C ASP A 197 0.68 -3.76 4.84
N ALA A 198 1.52 -2.72 4.85
CA ALA A 198 1.59 -1.85 6.03
C ALA A 198 0.30 -1.07 6.24
N VAL A 199 -0.43 -0.78 5.16
CA VAL A 199 -1.75 -0.15 5.31
C VAL A 199 -2.65 -1.04 6.15
N VAL A 200 -2.71 -2.33 5.80
CA VAL A 200 -3.55 -3.27 6.55
C VAL A 200 -3.08 -3.36 7.99
N ALA A 201 -1.78 -3.54 8.18
CA ALA A 201 -1.25 -3.68 9.53
C ALA A 201 -1.52 -2.44 10.37
N MET A 202 -1.34 -1.25 9.80
CA MET A 202 -1.49 -0.04 10.60
C MET A 202 -2.97 0.27 10.86
N HIS A 203 -3.86 -0.08 9.92
CA HIS A 203 -5.29 0.11 10.18
C HIS A 203 -5.74 -0.68 11.40
N GLY A 204 -5.33 -1.94 11.49
CA GLY A 204 -5.66 -2.72 12.68
C GLY A 204 -5.00 -2.19 13.94
N PHE A 205 -3.74 -1.78 13.83
CA PHE A 205 -3.06 -1.16 14.97
C PHE A 205 -3.82 0.06 15.46
N LEU A 206 -4.24 0.93 14.53
CA LEU A 206 -4.89 2.17 14.92
C LEU A 206 -6.28 1.91 15.49
N VAL A 207 -7.01 0.96 14.90
CA VAL A 207 -8.29 0.55 15.47
C VAL A 207 -8.09 0.03 16.89
N ASP A 208 -7.07 -0.82 17.08
CA ASP A 208 -6.78 -1.35 18.40
C ASP A 208 -6.37 -0.23 19.37
N LEU A 209 -5.58 0.73 18.87
CA LEU A 209 -5.15 1.84 19.73
C LEU A 209 -6.33 2.69 20.18
N VAL A 210 -7.27 2.96 19.28
CA VAL A 210 -8.45 3.73 19.66
C VAL A 210 -9.25 2.99 20.73
N ALA A 211 -9.40 1.67 20.56
CA ALA A 211 -10.08 0.87 21.57
C ALA A 211 -9.39 0.94 22.92
N ALA A 212 -8.05 0.87 22.94
CA ALA A 212 -7.32 0.96 24.19
C ALA A 212 -7.57 2.31 24.87
N LYS A 213 -7.49 3.40 24.09
CA LYS A 213 -7.72 4.72 24.67
C LYS A 213 -9.18 4.91 25.06
N ARG A 214 -10.10 4.29 24.34
CA ARG A 214 -11.50 4.34 24.72
C ARG A 214 -11.74 3.68 26.08
N ALA A 215 -10.94 2.67 26.41
CA ALA A 215 -11.05 1.98 27.69
C ALA A 215 -10.21 2.65 28.77
N GLU A 216 -8.93 2.93 28.49
CA GLU A 216 -8.00 3.49 29.46
C GLU A 216 -7.47 4.82 28.94
N PRO A 217 -8.18 5.93 29.21
CA PRO A 217 -7.79 7.21 28.62
C PRO A 217 -6.51 7.77 29.23
N GLY A 218 -5.77 8.51 28.40
CA GLY A 218 -4.61 9.25 28.84
C GLY A 218 -4.75 10.74 28.56
N HIS A 219 -3.62 11.43 28.38
CA HIS A 219 -3.62 12.86 28.10
C HIS A 219 -3.15 13.16 26.69
N ASP A 220 -3.16 12.16 25.81
CA ASP A 220 -2.73 12.29 24.44
C ASP A 220 -3.86 12.86 23.57
N LEU A 221 -3.53 13.12 22.30
CA LEU A 221 -4.51 13.67 21.37
C LEU A 221 -5.65 12.68 21.10
N LEU A 222 -5.32 11.41 20.88
CA LEU A 222 -6.34 10.41 20.61
C LEU A 222 -7.35 10.33 21.75
N SER A 223 -6.85 10.28 22.99
CA SER A 223 -7.74 10.26 24.15
C SER A 223 -8.62 11.51 24.17
N GLY A 224 -8.01 12.69 23.97
CA GLY A 224 -8.79 13.91 23.96
C GLY A 224 -9.83 13.93 22.85
N LEU A 225 -9.47 13.38 21.68
CA LEU A 225 -10.40 13.34 20.56
C LEU A 225 -11.59 12.42 20.83
N ILE A 226 -11.37 11.35 21.59
CA ILE A 226 -12.47 10.47 21.98
C ILE A 226 -13.38 11.19 22.97
N ALA A 227 -12.81 12.02 23.81
CA ALA A 227 -13.60 12.76 24.83
C ALA A 227 -14.35 13.93 24.18
N VAL A 228 -13.88 14.40 23.03
CA VAL A 228 -14.50 15.59 22.36
C VAL A 228 -16.00 15.37 22.17
N ARG A 229 -16.79 16.38 22.54
CA ARG A 229 -18.26 16.29 22.38
C ARG A 229 -18.83 17.64 21.93
N ASP A 230 -19.71 17.64 20.93
CA ASP A 230 -20.41 18.89 20.56
C ASP A 230 -21.90 18.59 20.72
N ASP A 231 -22.43 18.86 21.90
CA ASP A 231 -23.86 18.62 22.15
C ASP A 231 -24.30 17.29 21.55
N GLU A 232 -23.76 16.19 22.09
CA GLU A 232 -24.02 14.81 21.68
C GLU A 232 -23.29 14.41 20.40
N ASP A 233 -22.71 15.35 19.68
CA ASP A 233 -21.95 15.00 18.48
C ASP A 233 -20.55 14.56 18.93
N ARG A 234 -20.07 13.46 18.35
CA ARG A 234 -18.79 12.89 18.70
C ARG A 234 -18.08 12.43 17.43
N LEU A 235 -16.80 12.12 17.58
CA LEU A 235 -16.01 11.54 16.49
C LEU A 235 -16.15 10.03 16.49
N SER A 236 -16.32 9.45 15.31
CA SER A 236 -16.50 8.02 15.18
C SER A 236 -15.16 7.29 15.17
N GLU A 237 -15.20 5.97 15.37
CA GLU A 237 -14.00 5.15 15.27
C GLU A 237 -13.31 5.36 13.93
N ALA A 238 -14.07 5.24 12.83
CA ALA A 238 -13.49 5.45 11.51
C ALA A 238 -12.89 6.83 11.38
N GLU A 239 -13.57 7.85 11.93
CA GLU A 239 -13.05 9.21 11.87
C GLU A 239 -11.78 9.35 12.69
N LEU A 240 -11.73 8.71 13.86
CA LEU A 240 -10.54 8.77 14.70
C LEU A 240 -9.36 8.06 14.02
N VAL A 241 -9.61 6.86 13.49
CA VAL A 241 -8.55 6.11 12.83
C VAL A 241 -8.08 6.85 11.58
N SER A 242 -9.01 7.41 10.80
CA SER A 242 -8.63 8.19 9.63
C SER A 242 -7.78 9.39 10.02
N MET A 243 -8.15 10.08 11.10
CA MET A 243 -7.37 11.22 11.54
C MET A 243 -5.97 10.79 11.97
N ALA A 244 -5.86 9.62 12.61
CA ALA A 244 -4.55 9.10 12.98
C ALA A 244 -3.68 8.86 11.75
N PHE A 245 -4.28 8.31 10.68
CA PHE A 245 -3.54 8.12 9.44
C PHE A 245 -3.05 9.45 8.89
N LEU A 246 -3.92 10.47 8.91
CA LEU A 246 -3.53 11.79 8.46
C LEU A 246 -2.35 12.32 9.27
N ALA A 247 -2.41 12.14 10.60
CA ALA A 247 -1.33 12.60 11.45
C ALA A 247 -0.02 11.88 11.12
N LEU A 248 -0.10 10.57 10.83
CA LEU A 248 1.11 9.83 10.47
C LEU A 248 1.72 10.37 9.18
N TRP A 249 0.89 10.62 8.16
CA TRP A 249 1.37 11.13 6.89
C TRP A 249 2.13 12.44 7.07
N ALA A 250 1.51 13.42 7.69
CA ALA A 250 2.13 14.73 7.79
C ALA A 250 3.10 14.81 8.95
N GLY A 251 2.77 14.18 10.07
CA GLY A 251 3.64 14.20 11.23
C GLY A 251 4.87 13.34 11.14
N TYR A 252 4.93 12.43 10.16
CA TYR A 252 6.13 11.64 9.94
C TYR A 252 6.67 11.83 8.53
N GLU A 253 5.92 11.47 7.49
CA GLU A 253 6.48 11.50 6.14
C GLU A 253 6.91 12.92 5.76
N ASN A 254 6.05 13.91 6.00
CA ASN A 254 6.42 15.28 5.68
C ASN A 254 7.56 15.78 6.57
N LEU A 255 7.48 15.51 7.87
CA LEU A 255 8.42 16.10 8.79
C LEU A 255 9.81 15.49 8.64
N VAL A 256 9.88 14.18 8.37
CA VAL A 256 11.17 13.52 8.22
C VAL A 256 12.00 14.18 7.12
N HIS A 257 11.35 14.54 6.01
CA HIS A 257 12.11 15.09 4.90
C HIS A 257 12.20 16.61 4.95
N LEU A 258 11.32 17.28 5.68
CA LEU A 258 11.58 18.68 6.00
C LEU A 258 12.92 18.82 6.71
N ILE A 259 13.21 17.92 7.65
CA ILE A 259 14.49 17.95 8.36
C ILE A 259 15.63 17.54 7.44
N GLY A 260 15.47 16.41 6.74
CA GLY A 260 16.54 15.94 5.86
C GLY A 260 16.88 16.93 4.77
N ASN A 261 15.87 17.37 4.02
CA ASN A 261 16.11 18.35 2.96
C ASN A 261 16.66 19.65 3.52
N GLY A 262 16.25 20.03 4.73
CA GLY A 262 16.77 21.25 5.32
C GLY A 262 18.25 21.17 5.63
N VAL A 263 18.70 20.05 6.21
CA VAL A 263 20.12 19.88 6.52
C VAL A 263 20.94 19.89 5.24
N ARG A 264 20.49 19.16 4.22
CA ARG A 264 21.22 19.14 2.95
C ARG A 264 21.32 20.55 2.36
N ALA A 265 20.21 21.31 2.41
CA ALA A 265 20.23 22.67 1.89
C ALA A 265 21.21 23.55 2.65
N LEU A 266 21.34 23.33 3.95
CA LEU A 266 22.30 24.07 4.75
C LEU A 266 23.73 23.71 4.35
N LEU A 267 23.98 22.40 4.16
CA LEU A 267 25.29 21.93 3.76
C LEU A 267 25.65 22.39 2.35
N ALA A 268 24.66 22.55 1.49
CA ALA A 268 24.88 23.02 0.12
C ALA A 268 25.13 24.51 0.03
N ALA A 269 24.80 25.27 1.07
CA ALA A 269 25.00 26.72 1.11
C ALA A 269 25.77 27.07 2.38
N PRO A 270 27.08 26.83 2.39
CA PRO A 270 27.85 27.02 3.65
C PRO A 270 27.72 28.40 4.26
N ASP A 271 27.65 29.45 3.42
CA ASP A 271 27.55 30.80 3.96
C ASP A 271 26.26 31.01 4.75
N GLN A 272 25.14 30.44 4.27
CA GLN A 272 23.91 30.50 5.05
C GLN A 272 24.07 29.76 6.37
N LEU A 273 24.70 28.59 6.34
CA LEU A 273 24.95 27.84 7.56
C LEU A 273 25.81 28.63 8.53
N ALA A 274 26.85 29.29 8.03
CA ALA A 274 27.73 30.07 8.90
C ALA A 274 26.98 31.23 9.53
N ASP A 275 26.10 31.88 8.78
CA ASP A 275 25.27 32.95 9.35
C ASP A 275 24.36 32.42 10.44
N LEU A 276 23.70 31.28 10.19
CA LEU A 276 22.82 30.69 11.19
C LEU A 276 23.61 30.27 12.43
N ARG A 277 24.81 29.74 12.23
CA ARG A 277 25.64 29.35 13.38
C ARG A 277 26.09 30.56 14.18
N SER A 278 26.15 31.73 13.56
CA SER A 278 26.59 32.94 14.24
C SER A 278 25.46 33.74 14.87
N ASP A 279 24.21 33.39 14.56
CA ASP A 279 23.03 34.15 15.00
C ASP A 279 21.94 33.15 15.37
N GLU A 280 21.93 32.75 16.65
CA GLU A 280 20.93 31.81 17.12
C GLU A 280 19.52 32.34 16.92
N ALA A 281 19.34 33.66 17.01
CA ALA A 281 18.03 34.27 16.83
C ALA A 281 17.49 34.13 15.42
N LEU A 282 18.35 33.79 14.45
CA LEU A 282 17.94 33.61 13.06
C LEU A 282 17.14 32.33 12.84
N LEU A 283 17.15 31.39 13.79
CA LEU A 283 16.54 30.07 13.57
C LEU A 283 15.08 30.10 13.13
N PRO A 284 14.19 30.86 13.77
CA PRO A 284 12.78 30.80 13.33
C PRO A 284 12.59 31.20 11.88
N ARG A 285 13.19 32.33 11.46
CA ARG A 285 13.10 32.73 10.06
C ARG A 285 13.87 31.79 9.15
N ALA A 286 14.96 31.20 9.65
CA ALA A 286 15.72 30.25 8.84
C ALA A 286 14.89 29.01 8.51
N ILE A 287 14.11 28.51 9.48
CA ILE A 287 13.28 27.34 9.22
C ILE A 287 12.22 27.64 8.18
N GLU A 288 11.68 28.86 8.20
CA GLU A 288 10.66 29.19 7.20
C GLU A 288 11.27 29.22 5.80
N GLU A 289 12.49 29.73 5.65
CA GLU A 289 13.17 29.70 4.36
C GLU A 289 13.54 28.29 3.97
N LEU A 290 14.03 27.48 4.92
CA LEU A 290 14.32 26.09 4.65
C LEU A 290 13.06 25.35 4.21
N THR A 291 11.92 25.68 4.82
CA THR A 291 10.65 25.11 4.36
C THR A 291 10.32 25.56 2.95
N ARG A 292 10.39 26.86 2.67
CA ARG A 292 10.10 27.33 1.32
C ARG A 292 11.04 26.70 0.30
N PHE A 293 12.32 26.55 0.67
CA PHE A 293 13.34 26.12 -0.29
C PHE A 293 13.15 24.67 -0.74
N ASP A 294 12.95 23.74 0.21
CA ASP A 294 12.93 22.33 -0.19
C ASP A 294 12.07 21.46 0.70
N GLN A 295 10.96 21.99 1.23
CA GLN A 295 10.01 21.14 1.92
C GLN A 295 9.51 20.06 0.97
N PRO A 296 9.12 18.90 1.50
CA PRO A 296 8.92 17.71 0.64
C PRO A 296 7.66 17.71 -0.22
N LEU A 297 6.60 18.41 0.18
CA LEU A 297 5.29 18.25 -0.44
C LEU A 297 5.22 19.02 -1.76
N GLN A 298 5.17 18.28 -2.88
CA GLN A 298 5.20 18.94 -4.19
C GLN A 298 3.81 19.38 -4.65
N TRP A 299 2.77 18.62 -4.34
CA TRP A 299 1.41 18.93 -4.77
C TRP A 299 0.44 18.87 -3.61
N ALA A 300 -0.57 19.73 -3.65
CA ALA A 300 -1.69 19.59 -2.73
C ALA A 300 -2.49 18.33 -3.07
N ILE A 301 -3.49 18.03 -2.23
CA ILE A 301 -4.39 16.88 -2.55
C ILE A 301 -5.14 17.22 -3.84
N ARG A 302 -5.34 16.24 -4.72
CA ARG A 302 -6.01 16.50 -6.03
C ARG A 302 -7.33 17.25 -5.81
N ARG A 303 -7.75 18.05 -6.63
CA ARG A 303 -8.97 18.84 -6.53
C ARG A 303 -9.77 18.69 -7.81
N PHE A 304 -11.11 18.89 -7.64
CA PHE A 304 -12.05 18.75 -8.79
C PHE A 304 -12.93 19.98 -8.89
N PRO A 305 -12.90 20.73 -10.00
CA PRO A 305 -13.79 21.87 -10.17
C PRO A 305 -15.25 21.37 -10.15
N THR A 306 -16.05 21.93 -9.26
CA THR A 306 -17.47 21.60 -9.26
C THR A 306 -18.21 22.24 -10.43
N ARG A 307 -17.55 23.15 -11.15
CA ARG A 307 -18.07 23.76 -12.36
C ARG A 307 -16.88 24.01 -13.27
N GLU A 308 -17.13 24.33 -14.53
CA GLU A 308 -16.03 24.76 -15.38
C GLU A 308 -15.41 26.03 -14.79
N LEU A 309 -14.09 26.02 -14.64
CA LEU A 309 -13.37 27.05 -13.88
C LEU A 309 -12.18 27.53 -14.68
N ASP A 310 -12.01 28.85 -14.75
CA ASP A 310 -10.85 29.43 -15.39
C ASP A 310 -9.70 29.37 -14.41
N ILE A 311 -8.70 28.55 -14.71
CA ILE A 311 -7.50 28.42 -13.89
C ILE A 311 -6.32 28.80 -14.76
N ALA A 312 -5.59 29.83 -14.34
CA ALA A 312 -4.39 30.29 -15.03
C ALA A 312 -4.65 30.58 -16.51
N GLY A 313 -5.88 30.96 -16.85
CA GLY A 313 -6.23 31.33 -18.20
C GLY A 313 -6.83 30.21 -19.05
N VAL A 314 -7.01 29.01 -18.51
CA VAL A 314 -7.62 27.90 -19.22
C VAL A 314 -8.91 27.53 -18.50
N GLU A 315 -10.00 27.40 -19.26
CA GLU A 315 -11.26 26.95 -18.69
C GLU A 315 -11.20 25.45 -18.49
N VAL A 316 -11.06 25.03 -17.23
CA VAL A 316 -10.89 23.63 -16.87
C VAL A 316 -12.24 22.97 -16.67
N PRO A 317 -12.50 21.84 -17.33
CA PRO A 317 -13.83 21.21 -17.25
C PRO A 317 -14.17 20.75 -15.84
N ALA A 318 -15.46 20.79 -15.54
CA ALA A 318 -15.95 20.27 -14.26
C ALA A 318 -15.55 18.81 -14.10
N GLY A 319 -15.00 18.47 -12.93
CA GLY A 319 -14.66 17.10 -12.62
C GLY A 319 -13.27 16.68 -13.03
N ASP A 320 -12.53 17.52 -13.77
CA ASP A 320 -11.16 17.21 -14.14
C ASP A 320 -10.28 17.23 -12.89
N THR A 321 -9.16 16.52 -12.94
CA THR A 321 -8.21 16.47 -11.83
C THR A 321 -7.21 17.61 -11.92
N VAL A 322 -7.08 18.37 -10.83
CA VAL A 322 -6.25 19.56 -10.80
C VAL A 322 -5.22 19.40 -9.68
N LEU A 323 -3.95 19.53 -10.02
CA LEU A 323 -2.86 19.40 -9.06
C LEU A 323 -2.27 20.78 -8.84
N LEU A 324 -2.36 21.29 -7.62
CA LEU A 324 -1.85 22.61 -7.30
C LEU A 324 -0.42 22.46 -6.80
N GLY A 325 0.53 23.09 -7.51
CA GLY A 325 1.93 22.88 -7.25
C GLY A 325 2.46 23.76 -6.13
N ILE A 326 2.40 23.24 -4.91
CA ILE A 326 2.88 24.00 -3.75
C ILE A 326 4.36 24.29 -3.88
N ALA A 327 5.17 23.29 -4.24
CA ALA A 327 6.61 23.49 -4.35
C ALA A 327 6.94 24.51 -5.44
N SER A 328 6.31 24.37 -6.62
CA SER A 328 6.50 25.35 -7.67
C SER A 328 6.18 26.76 -7.21
N ALA A 329 5.04 26.93 -6.53
CA ALA A 329 4.66 28.25 -6.05
C ALA A 329 5.72 28.83 -5.13
N ASN A 330 6.27 28.00 -4.24
CA ASN A 330 7.32 28.44 -3.33
C ASN A 330 8.57 28.90 -4.06
N HIS A 331 8.72 28.57 -5.34
CA HIS A 331 9.88 29.01 -6.11
C HIS A 331 9.50 29.95 -7.25
N ASP A 332 8.33 30.59 -7.16
CA ASP A 332 7.85 31.52 -8.17
C ASP A 332 8.65 32.82 -8.10
N GLU A 333 9.41 33.10 -9.16
CA GLU A 333 10.26 34.29 -9.18
C GLU A 333 9.46 35.60 -9.14
N THR A 334 8.17 35.57 -9.48
CA THR A 334 7.37 36.78 -9.42
C THR A 334 6.98 37.13 -7.99
N VAL A 335 7.28 36.26 -7.03
CA VAL A 335 7.01 36.48 -5.62
C VAL A 335 8.29 36.55 -4.80
N PHE A 336 9.21 35.60 -5.03
CA PHE A 336 10.46 35.51 -4.29
C PHE A 336 11.63 35.84 -5.21
N ASP A 337 12.47 36.79 -4.78
CA ASP A 337 13.68 37.10 -5.52
C ASP A 337 14.68 35.97 -5.41
N LEU A 338 15.27 35.61 -6.55
CA LEU A 338 16.22 34.50 -6.63
C LEU A 338 15.66 33.27 -5.90
N PRO A 339 14.52 32.75 -6.37
CA PRO A 339 13.81 31.72 -5.57
C PRO A 339 14.55 30.41 -5.43
N ASP A 340 15.48 30.11 -6.34
CA ASP A 340 16.22 28.86 -6.29
C ASP A 340 17.51 28.98 -5.49
N THR A 341 17.71 30.11 -4.81
CA THR A 341 18.82 30.32 -3.90
C THR A 341 18.27 30.36 -2.47
N LEU A 342 19.01 29.75 -1.55
CA LEU A 342 18.65 29.77 -0.13
C LEU A 342 19.11 31.08 0.49
N ASP A 343 18.16 31.83 1.07
CA ASP A 343 18.44 33.09 1.74
C ASP A 343 17.70 33.05 3.08
N LEU A 344 18.41 32.68 4.15
CA LEU A 344 17.77 32.47 5.44
C LEU A 344 17.21 33.75 6.04
N ARG A 345 17.64 34.93 5.57
CA ARG A 345 17.09 36.20 6.01
C ARG A 345 16.03 36.73 5.05
N ARG A 346 15.48 35.88 4.20
CA ARG A 346 14.43 36.29 3.27
C ARG A 346 13.22 36.84 4.03
N ASP A 347 12.75 38.01 3.61
CA ASP A 347 11.65 38.68 4.30
C ASP A 347 11.00 39.69 3.38
N PRO A 348 9.68 39.59 3.13
CA PRO A 348 8.73 38.59 3.64
C PRO A 348 8.96 37.20 3.04
N ASN A 349 8.27 36.19 3.53
CA ASN A 349 8.41 34.83 3.03
C ASN A 349 7.04 34.18 3.08
N PRO A 350 6.18 34.50 2.09
CA PRO A 350 4.80 33.98 2.05
C PRO A 350 4.68 32.61 1.39
N HIS A 351 5.50 31.66 1.85
CA HIS A 351 5.49 30.32 1.30
C HIS A 351 4.18 29.60 1.64
N LEU A 352 3.75 28.72 0.73
CA LEU A 352 2.47 28.06 0.79
C LEU A 352 2.57 26.62 1.28
N SER A 353 3.64 26.29 2.00
CA SER A 353 3.94 24.89 2.31
C SER A 353 2.86 24.26 3.19
N TYR A 354 2.16 25.07 4.00
CA TYR A 354 1.15 24.54 4.91
C TYR A 354 -0.26 24.79 4.41
N GLY A 355 -0.42 25.00 3.12
CA GLY A 355 -1.72 25.18 2.54
C GLY A 355 -2.29 26.57 2.78
N HIS A 356 -3.57 26.70 2.45
CA HIS A 356 -4.27 27.97 2.48
C HIS A 356 -5.76 27.67 2.32
N GLY A 357 -6.58 28.37 3.09
CA GLY A 357 -8.00 28.10 3.07
C GLY A 357 -8.41 27.12 4.15
N ILE A 358 -9.56 26.47 3.92
CA ILE A 358 -10.17 25.67 4.96
C ILE A 358 -9.40 24.39 5.27
N HIS A 359 -8.57 23.91 4.36
CA HIS A 359 -7.81 22.69 4.58
C HIS A 359 -6.39 22.94 5.07
N ARG A 360 -6.05 24.19 5.38
CA ARG A 360 -4.68 24.50 5.78
C ARG A 360 -4.26 23.68 6.99
N SER A 361 -2.97 23.39 7.06
CA SER A 361 -2.46 22.34 7.93
C SER A 361 -2.79 22.64 9.38
N PHE A 362 -3.13 21.58 10.12
CA PHE A 362 -3.18 21.65 11.58
C PHE A 362 -1.80 21.67 12.21
N GLY A 363 -0.76 21.32 11.45
CA GLY A 363 0.51 21.01 12.07
C GLY A 363 1.61 22.02 11.83
N SER A 364 1.25 23.22 11.37
CA SER A 364 2.27 24.25 11.07
C SER A 364 3.18 24.43 12.28
N ARG A 365 2.60 24.74 13.44
CA ARG A 365 3.41 25.01 14.67
C ARG A 365 4.19 23.74 15.06
N LEU A 366 3.50 22.61 15.18
CA LEU A 366 4.17 21.34 15.58
C LEU A 366 5.41 21.14 14.71
N SER A 367 5.24 21.21 13.38
CA SER A 367 6.36 21.06 12.47
C SER A 367 7.47 22.08 12.77
N GLN A 368 7.08 23.34 13.00
CA GLN A 368 8.06 24.37 13.30
C GLN A 368 8.81 24.07 14.59
N ALA A 369 8.11 23.48 15.57
CA ALA A 369 8.76 23.15 16.85
C ALA A 369 9.71 21.96 16.71
N GLU A 370 9.27 20.91 16.02
CA GLU A 370 10.16 19.77 15.77
C GLU A 370 11.36 20.17 14.92
N ALA A 371 11.13 20.98 13.87
CA ALA A 371 12.26 21.47 13.08
C ALA A 371 13.24 22.27 13.92
N ALA A 372 12.73 23.16 14.79
CA ALA A 372 13.62 23.97 15.60
C ALA A 372 14.41 23.11 16.57
N ALA A 373 13.76 22.12 17.20
CA ALA A 373 14.49 21.20 18.08
C ALA A 373 15.54 20.43 17.30
N ALA A 374 15.20 19.95 16.10
CA ALA A 374 16.15 19.15 15.33
C ALA A 374 17.35 19.97 14.89
N PHE A 375 17.10 21.17 14.36
CA PHE A 375 18.21 21.99 13.87
C PHE A 375 19.03 22.56 15.02
N SER A 376 18.39 22.91 16.13
CA SER A 376 19.12 23.41 17.30
C SER A 376 20.10 22.37 17.83
N ALA A 377 19.67 21.12 17.94
CA ALA A 377 20.56 20.08 18.43
C ALA A 377 21.70 19.82 17.46
N LEU A 378 21.40 19.78 16.15
CA LEU A 378 22.44 19.58 15.16
C LEU A 378 23.47 20.71 15.20
N LEU A 379 22.98 21.95 15.25
CA LEU A 379 23.86 23.11 15.28
C LEU A 379 24.77 23.09 16.49
N ALA A 380 24.25 22.65 17.63
CA ALA A 380 25.03 22.62 18.86
C ALA A 380 26.06 21.49 18.83
N ARG A 381 25.70 20.35 18.25
CA ARG A 381 26.62 19.22 18.16
C ARG A 381 27.72 19.48 17.13
N GLY A 382 27.36 20.13 16.02
CA GLY A 382 28.26 20.24 14.90
C GLY A 382 28.03 19.12 13.91
N PHE A 383 28.03 19.45 12.62
CA PHE A 383 27.77 18.44 11.61
C PHE A 383 28.36 18.88 10.29
N ARG A 384 28.79 17.90 9.50
CA ARG A 384 29.27 18.12 8.14
C ARG A 384 28.94 16.88 7.33
N ALA A 385 28.86 17.06 6.02
CA ALA A 385 28.59 15.93 5.14
C ALA A 385 29.74 14.94 5.18
N ALA A 386 29.40 13.66 5.23
CA ALA A 386 30.39 12.60 5.16
C ALA A 386 30.67 12.14 3.74
N VAL A 387 29.87 12.63 2.77
CA VAL A 387 30.03 12.29 1.36
C VAL A 387 29.92 13.57 0.55
N ASP A 388 30.30 13.48 -0.72
CA ASP A 388 30.02 14.55 -1.67
C ASP A 388 28.51 14.65 -1.85
N LEU A 389 27.98 15.88 -1.74
CA LEU A 389 26.54 16.05 -1.82
C LEU A 389 25.99 15.64 -3.18
N ALA A 390 26.81 15.76 -4.24
CA ALA A 390 26.39 15.33 -5.57
C ALA A 390 26.14 13.83 -5.67
N ASP A 391 26.60 13.05 -4.68
CA ASP A 391 26.41 11.61 -4.67
C ASP A 391 25.18 11.18 -3.88
N LEU A 392 24.44 12.13 -3.32
CA LEU A 392 23.23 11.81 -2.59
C LEU A 392 22.13 11.34 -3.56
N GLN A 393 21.31 10.41 -3.10
CA GLN A 393 20.24 9.85 -3.91
C GLN A 393 18.88 10.23 -3.33
N TRP A 394 17.93 10.53 -4.21
CA TRP A 394 16.59 10.95 -3.84
C TRP A 394 15.58 9.84 -4.07
N GLN A 395 14.55 9.81 -3.23
CA GLN A 395 13.54 8.76 -3.34
C GLN A 395 12.69 9.00 -4.58
N PRO A 396 12.28 7.94 -5.29
CA PRO A 396 11.46 8.13 -6.49
C PRO A 396 9.99 8.35 -6.16
N SER A 397 9.61 9.61 -5.91
CA SER A 397 8.24 9.96 -5.59
C SER A 397 7.81 11.15 -6.43
N PHE A 398 6.50 11.25 -6.66
CA PHE A 398 5.93 12.38 -7.40
C PHE A 398 5.49 13.50 -6.46
N ARG A 399 5.09 13.15 -5.24
CA ARG A 399 4.54 14.12 -4.30
C ARG A 399 5.45 14.44 -3.13
N ASN A 400 6.31 13.53 -2.71
CA ASN A 400 7.05 13.70 -1.45
C ASN A 400 8.54 13.57 -1.73
N ARG A 401 9.23 14.71 -1.77
CA ARG A 401 10.65 14.76 -2.10
C ARG A 401 11.45 14.51 -0.83
N GLY A 402 12.35 13.54 -0.87
CA GLY A 402 13.15 13.18 0.29
C GLY A 402 14.32 12.33 -0.09
N LEU A 403 15.33 12.34 0.78
CA LEU A 403 16.59 11.65 0.53
C LEU A 403 16.50 10.20 1.01
N THR A 404 17.21 9.32 0.31
CA THR A 404 17.30 7.93 0.76
C THR A 404 18.13 7.81 2.03
N GLU A 405 19.15 8.66 2.17
CA GLU A 405 20.08 8.71 3.29
C GLU A 405 20.90 9.98 3.17
N LEU A 406 21.48 10.43 4.29
CA LEU A 406 22.36 11.60 4.30
C LEU A 406 23.49 11.34 5.28
N PRO A 407 24.62 10.81 4.78
CA PRO A 407 25.74 10.50 5.68
C PRO A 407 26.37 11.78 6.21
N LEU A 408 26.49 11.86 7.53
CA LEU A 408 27.01 13.03 8.21
C LEU A 408 28.17 12.63 9.12
N LEU A 409 28.94 13.64 9.51
CA LEU A 409 29.93 13.51 10.57
C LEU A 409 29.54 14.47 11.68
N LEU A 410 29.37 13.93 12.89
CA LEU A 410 28.92 14.72 14.02
C LEU A 410 30.11 15.19 14.85
N GLY A 411 29.99 16.39 15.42
CA GLY A 411 31.03 16.94 16.26
C GLY A 411 31.13 16.22 17.60
N ALA B 28 16.87 -16.24 -3.16
CA ALA B 28 16.84 -17.71 -3.34
C ALA B 28 15.41 -18.23 -3.13
N PHE B 29 14.79 -17.91 -1.99
CA PHE B 29 13.39 -18.33 -1.75
C PHE B 29 12.52 -17.82 -2.91
N HIS B 30 12.82 -16.62 -3.39
CA HIS B 30 12.06 -16.04 -4.53
C HIS B 30 12.28 -16.86 -5.81
N VAL B 31 13.49 -17.38 -6.03
CA VAL B 31 13.75 -18.08 -7.28
C VAL B 31 13.33 -19.54 -7.18
N ASP B 32 13.58 -20.18 -6.05
CA ASP B 32 13.11 -21.53 -5.79
C ASP B 32 13.04 -21.77 -4.29
N PRO B 33 11.84 -21.73 -3.70
CA PRO B 33 11.71 -21.99 -2.26
C PRO B 33 11.65 -23.46 -1.85
N TYR B 34 11.40 -24.37 -2.79
CA TYR B 34 11.17 -25.78 -2.49
C TYR B 34 12.41 -26.49 -1.96
N PRO B 35 13.63 -26.13 -2.39
CA PRO B 35 14.81 -26.61 -1.64
C PRO B 35 14.78 -26.27 -0.17
N ILE B 36 14.58 -24.99 0.17
CA ILE B 36 14.54 -24.58 1.58
C ILE B 36 13.41 -25.30 2.30
N TYR B 37 12.27 -25.47 1.65
CA TYR B 37 11.17 -26.23 2.24
C TYR B 37 11.59 -27.65 2.59
N ALA B 38 12.46 -28.25 1.76
CA ALA B 38 12.86 -29.63 1.97
C ALA B 38 13.62 -29.81 3.28
N ARG B 39 14.59 -28.92 3.54
CA ARG B 39 15.31 -28.97 4.81
C ARG B 39 14.38 -28.75 5.99
N LEU B 40 13.45 -27.80 5.86
CA LEU B 40 12.50 -27.51 6.94
C LEU B 40 11.64 -28.74 7.23
N ARG B 41 11.12 -29.39 6.20
CA ARG B 41 10.30 -30.57 6.40
C ARG B 41 11.10 -31.70 7.03
N ALA B 42 12.25 -31.97 6.42
C ALA B 42 13.91 -32.84 8.64
N GLY B 43 14.09 -31.52 8.80
CA GLY B 43 14.38 -30.89 10.08
C GLY B 43 13.26 -30.91 11.11
N GLY B 44 12.14 -31.56 10.82
CA GLY B 44 11.07 -31.67 11.84
C GLY B 44 9.78 -31.04 11.35
N GLY B 45 9.88 -30.05 10.46
CA GLY B 45 8.68 -29.39 9.91
C GLY B 45 8.19 -28.24 10.77
N ILE B 46 8.86 -27.98 11.87
CA ILE B 46 8.50 -26.85 12.72
C ILE B 46 9.77 -26.16 13.20
N ARG B 47 9.80 -24.84 13.06
CA ARG B 47 10.96 -24.04 13.44
C ARG B 47 10.52 -22.59 13.53
N GLN B 48 11.00 -21.89 14.56
CA GLN B 48 10.67 -20.49 14.76
C GLN B 48 11.71 -19.64 14.03
N VAL B 49 11.30 -18.96 12.97
CA VAL B 49 12.19 -18.14 12.17
C VAL B 49 12.14 -16.70 12.67
N SER B 50 13.12 -15.91 12.27
CA SER B 50 13.20 -14.49 12.73
C SER B 50 13.70 -13.60 11.59
N THR B 51 13.13 -12.42 11.47
CA THR B 51 13.58 -11.45 10.45
C THR B 51 14.83 -10.72 10.94
N PRO B 52 15.55 -9.98 10.08
CA PRO B 52 16.67 -9.16 10.54
C PRO B 52 16.26 -7.99 11.44
N ASP B 53 14.96 -7.82 11.71
CA ASP B 53 14.49 -6.72 12.59
C ASP B 53 14.03 -7.29 13.94
N GLY B 54 13.89 -8.60 14.03
CA GLY B 54 13.44 -9.21 15.27
C GLY B 54 12.07 -9.85 15.22
N ALA B 55 11.38 -9.78 14.10
CA ALA B 55 10.04 -10.36 13.97
C ALA B 55 10.14 -11.88 13.81
N ALA B 56 9.45 -12.61 14.68
CA ALA B 56 9.54 -14.06 14.73
C ALA B 56 8.20 -14.70 14.39
N ALA B 57 8.28 -15.91 13.83
CA ALA B 57 7.08 -16.69 13.54
C ALA B 57 7.46 -18.16 13.44
N TRP B 58 6.46 -19.00 13.61
CA TRP B 58 6.65 -20.47 13.46
C TRP B 58 6.26 -20.84 12.04
N VAL B 59 7.17 -21.49 11.32
CA VAL B 59 6.83 -21.98 9.95
C VAL B 59 6.55 -23.49 10.02
N VAL B 60 5.34 -23.90 9.69
CA VAL B 60 4.94 -25.33 9.70
C VAL B 60 5.01 -25.78 8.24
N THR B 61 5.73 -26.86 7.94
CA THR B 61 6.00 -27.19 6.52
C THR B 61 5.50 -28.57 6.11
N ARG B 62 5.03 -29.38 7.07
CA ARG B 62 4.60 -30.77 6.78
C ARG B 62 3.10 -30.83 6.48
N TYR B 63 2.70 -31.64 5.50
CA TYR B 63 1.31 -31.73 5.06
C TYR B 63 0.35 -31.98 6.22
N ASP B 64 0.55 -33.09 6.95
CA ASP B 64 -0.41 -33.48 7.97
C ASP B 64 -0.60 -32.41 9.02
N ASP B 65 0.45 -31.65 9.32
CA ASP B 65 0.32 -30.55 10.26
C ASP B 65 -0.38 -29.35 9.62
N VAL B 66 0.00 -29.01 8.39
CA VAL B 66 -0.64 -27.90 7.69
C VAL B 66 -2.13 -28.18 7.53
N ARG B 67 -2.47 -29.37 7.00
CA ARG B 67 -3.87 -29.73 6.83
C ARG B 67 -4.63 -29.66 8.15
N ALA B 68 -4.08 -30.24 9.21
CA ALA B 68 -4.77 -30.25 10.49
C ALA B 68 -4.87 -28.85 11.09
N GLY B 69 -3.81 -28.04 10.92
CA GLY B 69 -3.85 -26.68 11.45
C GLY B 69 -4.85 -25.81 10.72
N LEU B 70 -5.01 -26.03 9.41
CA LEU B 70 -5.93 -25.21 8.62
C LEU B 70 -7.35 -25.27 9.16
N ALA B 71 -7.73 -26.38 9.80
CA ALA B 71 -9.07 -26.55 10.34
C ALA B 71 -9.14 -26.43 11.86
N ASP B 72 -8.04 -26.65 12.56
CA ASP B 72 -8.03 -26.60 14.03
C ASP B 72 -8.47 -25.21 14.50
N PRO B 73 -9.61 -25.10 15.19
CA PRO B 73 -10.07 -23.78 15.64
C PRO B 73 -9.28 -23.22 16.81
N ARG B 74 -8.29 -23.95 17.34
CA ARG B 74 -7.37 -23.38 18.30
C ARG B 74 -6.38 -22.42 17.64
N LEU B 75 -6.31 -22.43 16.31
CA LEU B 75 -5.45 -21.55 15.53
C LEU B 75 -6.32 -20.44 14.96
N SER B 76 -6.34 -19.31 15.63
CA SER B 76 -7.23 -18.21 15.28
C SER B 76 -6.61 -17.32 14.21
N VAL B 77 -7.48 -16.72 13.38
CA VAL B 77 -7.04 -15.71 12.43
C VAL B 77 -7.28 -14.29 12.94
N ASP B 78 -7.89 -14.17 14.12
CA ASP B 78 -8.22 -12.88 14.70
C ASP B 78 -7.01 -12.31 15.43
N ARG B 79 -6.59 -11.10 15.06
CA ARG B 79 -5.42 -10.49 15.69
C ARG B 79 -5.65 -10.18 17.17
N SER B 80 -6.88 -10.23 17.66
CA SER B 80 -7.14 -10.04 19.09
C SER B 80 -6.48 -11.11 19.93
N ASN B 81 -6.17 -12.27 19.35
CA ASN B 81 -5.51 -13.36 20.06
C ASN B 81 -4.01 -13.42 19.82
N ALA B 82 -3.45 -12.42 19.13
CA ALA B 82 -2.02 -12.37 18.91
C ALA B 82 -1.31 -11.75 20.10
N GLY B 83 -0.05 -12.15 20.29
CA GLY B 83 0.75 -11.66 21.39
C GLY B 83 1.54 -10.41 21.03
N ALA B 84 2.36 -9.96 21.99
CA ALA B 84 3.10 -8.71 21.82
C ALA B 84 4.19 -8.82 20.76
N GLY B 85 4.61 -10.03 20.40
CA GLY B 85 5.59 -10.21 19.35
C GLY B 85 5.04 -10.17 17.94
N TYR B 86 3.72 -10.04 17.82
CA TYR B 86 3.08 -9.96 16.51
C TYR B 86 3.61 -8.78 15.71
N ARG B 87 4.01 -9.05 14.47
CA ARG B 87 4.60 -8.03 13.60
C ARG B 87 4.04 -8.06 12.18
N GLY B 88 3.02 -8.85 11.91
CA GLY B 88 2.29 -8.77 10.65
C GLY B 88 2.73 -9.72 9.55
N PHE B 89 3.02 -10.97 9.90
CA PHE B 89 3.32 -11.99 8.90
C PHE B 89 2.02 -12.45 8.22
N SER B 90 2.12 -12.72 6.91
CA SER B 90 1.02 -13.26 6.10
C SER B 90 -0.35 -12.68 6.39
N LEU B 91 -0.48 -11.35 6.30
CA LEU B 91 -1.68 -10.67 6.73
C LEU B 91 -2.94 -11.12 6.00
N PRO B 92 -4.14 -10.95 6.62
CA PRO B 92 -5.38 -11.16 5.89
C PRO B 92 -5.38 -10.18 4.71
N PRO B 93 -5.93 -10.57 3.55
CA PRO B 93 -5.84 -9.74 2.34
C PRO B 93 -6.89 -8.64 2.22
N ALA B 94 -7.39 -8.16 3.36
CA ALA B 94 -8.33 -7.02 3.31
C ALA B 94 -8.31 -6.29 4.64
N LEU B 95 -8.84 -5.07 4.62
CA LEU B 95 -8.90 -4.26 5.85
C LEU B 95 -10.30 -4.46 6.43
N ASP B 96 -10.46 -4.24 7.72
CA ASP B 96 -11.78 -4.35 8.38
C ASP B 96 -12.24 -5.80 8.46
N ALA B 97 -13.39 -6.02 9.06
CA ALA B 97 -13.90 -7.40 9.29
C ALA B 97 -14.07 -8.15 7.96
N ASN B 98 -13.33 -9.25 7.83
CA ASN B 98 -13.44 -10.09 6.62
C ASN B 98 -13.38 -11.56 7.03
N LEU B 99 -13.71 -12.44 6.10
CA LEU B 99 -13.73 -13.89 6.40
C LEU B 99 -12.37 -14.37 6.93
N LEU B 100 -11.26 -13.80 6.49
CA LEU B 100 -9.96 -14.34 6.86
C LEU B 100 -9.31 -13.60 8.04
N ASN B 101 -10.07 -12.76 8.74
CA ASN B 101 -9.60 -12.21 10.01
C ASN B 101 -10.61 -12.40 11.13
N LEU B 102 -11.53 -13.35 10.97
CA LEU B 102 -12.61 -13.61 11.91
C LEU B 102 -12.67 -15.11 12.20
N ASP B 103 -12.93 -15.43 13.46
CA ASP B 103 -13.11 -16.85 13.85
C ASP B 103 -14.60 -17.09 14.09
N PRO B 104 -15.07 -18.34 14.01
CA PRO B 104 -16.44 -18.62 14.38
C PRO B 104 -16.60 -18.15 15.84
N PRO B 105 -17.63 -17.37 16.17
CA PRO B 105 -18.91 -17.39 15.44
C PRO B 105 -19.16 -16.32 14.36
N ASP B 106 -18.37 -15.26 14.34
CA ASP B 106 -18.59 -14.16 13.36
C ASP B 106 -18.31 -14.65 11.92
N HIS B 107 -17.31 -15.51 11.75
CA HIS B 107 -16.99 -16.04 10.40
C HIS B 107 -18.20 -16.79 9.85
N THR B 108 -18.87 -17.50 10.73
CA THR B 108 -20.06 -18.29 10.32
C THR B 108 -21.09 -17.38 9.66
N ARG B 109 -21.45 -16.27 10.31
CA ARG B 109 -22.40 -15.30 9.71
C ARG B 109 -21.92 -14.87 8.32
N LEU B 110 -20.67 -14.43 8.22
CA LEU B 110 -20.18 -13.92 6.93
C LEU B 110 -20.20 -15.00 5.87
N ARG B 111 -19.71 -16.20 6.20
CA ARG B 111 -19.68 -17.27 5.22
C ARG B 111 -21.08 -17.65 4.77
N THR B 112 -22.03 -17.66 5.69
CA THR B 112 -23.41 -18.00 5.34
C THR B 112 -24.02 -16.93 4.45
N LEU B 113 -23.75 -15.65 4.73
CA LEU B 113 -24.31 -14.57 3.92
C LEU B 113 -23.67 -14.54 2.53
N ILE B 114 -22.36 -14.76 2.46
CA ILE B 114 -21.68 -14.65 1.17
C ILE B 114 -21.90 -15.88 0.31
N ALA B 115 -21.90 -17.08 0.91
CA ALA B 115 -22.11 -18.29 0.13
C ALA B 115 -23.48 -18.32 -0.55
N GLY B 116 -24.46 -17.58 -0.04
CA GLY B 116 -25.78 -17.57 -0.66
C GLY B 116 -25.75 -17.02 -2.07
N GLU B 117 -24.92 -15.99 -2.29
CA GLU B 117 -24.84 -15.34 -3.62
C GLU B 117 -23.64 -15.88 -4.40
N PHE B 118 -22.65 -16.46 -3.71
CA PHE B 118 -21.42 -16.98 -4.36
C PHE B 118 -21.59 -18.49 -4.55
N THR B 119 -22.52 -18.89 -5.42
CA THR B 119 -22.87 -20.31 -5.68
C THR B 119 -22.05 -20.92 -6.81
N PRO B 120 -21.86 -22.25 -6.85
CA PRO B 120 -21.15 -22.86 -7.98
C PRO B 120 -21.85 -22.58 -9.34
N ARG B 121 -23.17 -22.46 -9.35
CA ARG B 121 -23.86 -22.15 -10.59
C ARG B 121 -23.45 -20.79 -11.14
N ARG B 122 -23.11 -19.85 -10.26
CA ARG B 122 -22.53 -18.58 -10.72
C ARG B 122 -21.29 -18.83 -11.55
N VAL B 123 -20.45 -19.73 -11.06
CA VAL B 123 -19.20 -20.07 -11.81
C VAL B 123 -19.60 -20.75 -13.13
N HIS B 124 -20.49 -21.73 -13.07
CA HIS B 124 -20.91 -22.48 -14.28
C HIS B 124 -21.54 -21.52 -15.31
N GLU B 125 -22.36 -20.57 -14.86
CA GLU B 125 -23.03 -19.63 -15.79
C GLU B 125 -21.98 -18.80 -16.55
N LEU B 126 -20.82 -18.56 -15.92
CA LEU B 126 -19.81 -17.68 -16.52
C LEU B 126 -18.84 -18.48 -17.38
N VAL B 127 -18.91 -19.81 -17.34
CA VAL B 127 -17.89 -20.59 -18.04
C VAL B 127 -17.80 -20.25 -19.54
N PRO B 128 -18.90 -20.21 -20.31
CA PRO B 128 -18.75 -19.88 -21.73
C PRO B 128 -18.10 -18.52 -21.96
N ALA B 129 -18.49 -17.51 -21.18
CA ALA B 129 -17.86 -16.19 -21.31
C ALA B 129 -16.38 -16.26 -20.97
N ILE B 130 -16.03 -17.00 -19.92
CA ILE B 130 -14.62 -17.15 -19.54
C ILE B 130 -13.83 -17.78 -20.68
N GLU B 131 -14.36 -18.86 -21.26
CA GLU B 131 -13.64 -19.53 -22.34
C GLU B 131 -13.54 -18.64 -23.56
N ALA B 132 -14.62 -17.92 -23.90
CA ALA B 132 -14.57 -17.00 -25.03
C ALA B 132 -13.59 -15.85 -24.76
N ALA B 133 -13.59 -15.32 -23.53
CA ALA B 133 -12.64 -14.28 -23.18
C ALA B 133 -11.20 -14.75 -23.36
N ALA B 134 -10.90 -15.96 -22.89
CA ALA B 134 -9.57 -16.53 -23.08
C ALA B 134 -9.19 -16.58 -24.56
N ARG B 135 -10.07 -17.14 -25.39
CA ARG B 135 -9.78 -17.22 -26.82
C ARG B 135 -9.59 -15.84 -27.42
N GLU B 136 -10.42 -14.86 -27.01
CA GLU B 136 -10.35 -13.53 -27.58
C GLU B 136 -9.06 -12.82 -27.18
N LEU B 137 -8.68 -12.91 -25.91
CA LEU B 137 -7.44 -12.26 -25.45
C LEU B 137 -6.23 -12.85 -26.15
N LEU B 138 -6.15 -14.18 -26.23
CA LEU B 138 -5.01 -14.81 -26.90
C LEU B 138 -4.97 -14.47 -28.38
N ALA B 139 -6.13 -14.34 -29.01
CA ALA B 139 -6.19 -14.01 -30.43
C ALA B 139 -5.62 -12.63 -30.72
N GLY B 140 -5.58 -11.74 -29.73
CA GLY B 140 -5.02 -10.42 -29.90
C GLY B 140 -3.51 -10.34 -29.87
N LEU B 141 -2.85 -11.45 -29.55
CA LEU B 141 -1.39 -11.47 -29.44
C LEU B 141 -0.77 -12.01 -30.72
N PRO B 142 0.35 -11.45 -31.16
CA PRO B 142 0.95 -11.88 -32.43
C PRO B 142 1.66 -13.22 -32.30
N SER B 143 1.85 -13.87 -33.45
CA SER B 143 2.66 -15.07 -33.55
C SER B 143 4.00 -14.73 -34.20
N GLY B 144 4.99 -15.57 -33.93
CA GLY B 144 6.33 -15.33 -34.45
C GLY B 144 7.03 -14.12 -33.88
N GLU B 145 6.50 -13.55 -32.80
CA GLU B 145 6.98 -12.36 -32.14
C GLU B 145 7.03 -12.66 -30.64
N PRO B 146 8.08 -12.24 -29.93
CA PRO B 146 8.14 -12.53 -28.49
C PRO B 146 7.04 -11.78 -27.76
N VAL B 147 6.16 -12.54 -27.11
CA VAL B 147 5.04 -12.00 -26.35
C VAL B 147 5.19 -12.44 -24.90
N ASP B 148 4.77 -11.54 -24.00
CA ASP B 148 4.81 -11.79 -22.56
C ASP B 148 3.47 -12.36 -22.14
N LEU B 149 3.47 -13.61 -21.68
CA LEU B 149 2.24 -14.29 -21.30
C LEU B 149 1.50 -13.56 -20.18
N ILE B 150 2.23 -12.99 -19.22
CA ILE B 150 1.59 -12.42 -18.05
C ILE B 150 0.78 -11.18 -18.42
N ALA B 151 1.43 -10.18 -19.01
CA ALA B 151 0.75 -8.92 -19.31
C ALA B 151 -0.26 -9.07 -20.44
N GLY B 152 -0.10 -10.05 -21.32
CA GLY B 152 -0.97 -10.16 -22.47
C GLY B 152 -2.13 -11.13 -22.32
N PHE B 153 -2.11 -11.98 -21.29
CA PHE B 153 -3.08 -13.05 -21.20
C PHE B 153 -3.36 -13.46 -19.76
N ALA B 154 -2.31 -13.86 -19.02
CA ALA B 154 -2.50 -14.41 -17.70
C ALA B 154 -3.03 -13.39 -16.70
N ALA B 155 -2.73 -12.12 -16.92
CA ALA B 155 -3.28 -11.08 -16.05
C ALA B 155 -4.61 -10.56 -16.60
N PRO B 156 -4.73 -10.22 -17.89
CA PRO B 156 -6.01 -9.68 -18.38
C PRO B 156 -7.19 -10.61 -18.20
N LEU B 157 -6.99 -11.94 -18.31
CA LEU B 157 -8.15 -12.83 -18.24
C LEU B 157 -8.80 -12.80 -16.85
N PRO B 158 -8.10 -13.09 -15.76
CA PRO B 158 -8.75 -12.96 -14.44
C PRO B 158 -9.20 -11.53 -14.14
N LEU B 159 -8.49 -10.53 -14.66
CA LEU B 159 -8.93 -9.15 -14.46
C LEU B 159 -10.30 -8.92 -15.09
N ARG B 160 -10.50 -9.42 -16.31
CA ARG B 160 -11.80 -9.30 -16.94
C ARG B 160 -12.88 -10.04 -16.17
N VAL B 161 -12.56 -11.26 -15.71
CA VAL B 161 -13.57 -12.10 -14.98
C VAL B 161 -13.98 -11.42 -13.67
N ILE B 162 -13.01 -11.02 -12.84
CA ILE B 162 -13.37 -10.41 -11.52
C ILE B 162 -14.09 -9.07 -11.77
N GLY B 163 -13.74 -8.37 -12.83
CA GLY B 163 -14.48 -7.14 -13.16
C GLY B 163 -15.93 -7.45 -13.48
N ASP B 164 -16.16 -8.51 -14.25
CA ASP B 164 -17.54 -8.94 -14.54
C ASP B 164 -18.24 -9.38 -13.25
N LEU B 165 -17.53 -10.10 -12.38
CA LEU B 165 -18.12 -10.61 -11.13
C LEU B 165 -18.54 -9.45 -10.21
N LEU B 166 -17.75 -8.39 -10.19
CA LEU B 166 -18.02 -7.23 -9.30
C LEU B 166 -18.89 -6.20 -10.03
N GLY B 167 -19.15 -6.42 -11.32
CA GLY B 167 -20.02 -5.52 -12.10
C GLY B 167 -19.38 -4.17 -12.38
N VAL B 168 -18.10 -4.16 -12.73
CA VAL B 168 -17.42 -2.91 -13.05
C VAL B 168 -18.00 -2.35 -14.33
N PRO B 169 -18.61 -1.16 -14.31
CA PRO B 169 -19.22 -0.62 -15.52
C PRO B 169 -18.16 -0.32 -16.57
N PRO B 170 -18.54 -0.31 -17.86
CA PRO B 170 -17.54 -0.11 -18.92
C PRO B 170 -16.67 1.13 -18.75
N ALA B 171 -17.25 2.23 -18.27
CA ALA B 171 -16.50 3.47 -18.11
C ALA B 171 -15.53 3.42 -16.94
N ASP B 172 -15.65 2.44 -16.05
CA ASP B 172 -14.77 2.31 -14.90
C ASP B 172 -13.71 1.25 -15.08
N ARG B 173 -13.68 0.57 -16.23
CA ARG B 173 -12.79 -0.58 -16.39
C ARG B 173 -11.33 -0.17 -16.43
N ALA B 174 -11.01 0.92 -17.14
CA ALA B 174 -9.61 1.34 -17.22
C ALA B 174 -9.07 1.72 -15.85
N ARG B 175 -9.89 2.43 -15.05
CA ARG B 175 -9.50 2.79 -13.69
C ARG B 175 -9.34 1.54 -12.83
N PHE B 176 -10.28 0.61 -12.95
CA PHE B 176 -10.20 -0.65 -12.20
C PHE B 176 -8.95 -1.43 -12.56
N ARG B 177 -8.62 -1.51 -13.86
CA ARG B 177 -7.46 -2.27 -14.31
C ARG B 177 -6.16 -1.70 -13.76
N GLY B 178 -5.97 -0.38 -13.91
CA GLY B 178 -4.71 0.21 -13.50
C GLY B 178 -4.45 0.08 -12.01
N TRP B 179 -5.50 0.23 -11.21
CA TRP B 179 -5.32 0.16 -9.77
C TRP B 179 -5.25 -1.27 -9.26
N THR B 180 -5.98 -2.21 -9.87
CA THR B 180 -5.80 -3.61 -9.52
C THR B 180 -4.40 -4.09 -9.83
N THR B 181 -3.87 -3.73 -10.99
CA THR B 181 -2.53 -4.15 -11.37
C THR B 181 -1.47 -3.54 -10.45
N THR B 182 -1.59 -2.25 -10.17
CA THR B 182 -0.65 -1.60 -9.25
C THR B 182 -0.77 -2.16 -7.84
N LEU B 183 -1.96 -2.56 -7.42
CA LEU B 183 -2.16 -3.05 -6.07
C LEU B 183 -1.57 -4.45 -5.89
N LEU B 184 -1.74 -5.32 -6.90
CA LEU B 184 -1.53 -6.75 -6.72
C LEU B 184 -0.48 -7.36 -7.64
N THR B 185 -0.27 -6.81 -8.84
CA THR B 185 0.75 -7.33 -9.76
C THR B 185 1.73 -6.22 -10.13
N PRO B 186 2.47 -5.68 -9.15
CA PRO B 186 3.38 -4.58 -9.45
C PRO B 186 4.56 -5.05 -10.29
N GLY B 187 4.99 -4.19 -11.19
CA GLY B 187 6.23 -4.50 -11.93
C GLY B 187 7.42 -4.49 -10.99
N PRO B 188 8.58 -5.06 -11.38
CA PRO B 188 9.69 -5.15 -10.43
C PRO B 188 10.24 -3.77 -10.06
N ASP B 189 9.97 -2.74 -10.87
CA ASP B 189 10.55 -1.39 -10.61
C ASP B 189 9.45 -0.42 -10.18
N GLN B 190 8.26 -0.92 -9.86
CA GLN B 190 7.21 -0.04 -9.35
C GLN B 190 7.70 0.61 -8.06
N PRO B 191 7.59 1.94 -7.93
CA PRO B 191 8.01 2.60 -6.69
C PRO B 191 7.32 1.98 -5.50
N PRO B 192 7.99 1.89 -4.34
CA PRO B 192 7.45 1.08 -3.24
C PRO B 192 6.15 1.62 -2.67
N THR B 193 5.81 2.88 -2.90
CA THR B 193 4.60 3.47 -2.34
C THR B 193 3.39 3.33 -3.25
N ALA B 194 3.57 2.91 -4.49
CA ALA B 194 2.46 2.90 -5.44
C ALA B 194 1.38 1.91 -5.05
N ALA B 195 1.77 0.71 -4.62
CA ALA B 195 0.78 -0.26 -4.17
C ALA B 195 0.07 0.23 -2.91
N ARG B 196 0.79 0.95 -2.05
CA ARG B 196 0.15 1.60 -0.90
C ARG B 196 -0.93 2.57 -1.36
N ASP B 197 -0.59 3.46 -2.28
CA ASP B 197 -1.58 4.40 -2.82
C ASP B 197 -2.76 3.68 -3.45
N ALA B 198 -2.52 2.49 -4.01
CA ALA B 198 -3.60 1.75 -4.65
C ALA B 198 -4.63 1.24 -3.67
N VAL B 199 -4.24 1.01 -2.41
CA VAL B 199 -5.22 0.63 -1.39
C VAL B 199 -6.22 1.74 -1.19
N VAL B 200 -5.74 2.98 -1.06
CA VAL B 200 -6.62 4.12 -0.87
C VAL B 200 -7.53 4.28 -2.08
N ALA B 201 -6.95 4.22 -3.28
CA ALA B 201 -7.73 4.39 -4.50
C ALA B 201 -8.78 3.29 -4.66
N MET B 202 -8.38 2.03 -4.44
CA MET B 202 -9.33 0.94 -4.63
C MET B 202 -10.43 0.95 -3.56
N HIS B 203 -10.09 1.29 -2.32
CA HIS B 203 -11.11 1.38 -1.27
C HIS B 203 -12.18 2.40 -1.64
N GLY B 204 -11.77 3.58 -2.09
CA GLY B 204 -12.73 4.55 -2.59
C GLY B 204 -13.52 4.01 -3.77
N PHE B 205 -12.84 3.32 -4.69
CA PHE B 205 -13.51 2.76 -5.85
C PHE B 205 -14.57 1.73 -5.45
N LEU B 206 -14.23 0.85 -4.51
CA LEU B 206 -15.15 -0.20 -4.11
C LEU B 206 -16.29 0.34 -3.26
N VAL B 207 -16.01 1.34 -2.43
CA VAL B 207 -17.08 2.03 -1.70
C VAL B 207 -18.09 2.61 -2.68
N ASP B 208 -17.59 3.30 -3.71
CA ASP B 208 -18.47 3.91 -4.69
C ASP B 208 -19.17 2.85 -5.54
N LEU B 209 -18.46 1.77 -5.89
CA LEU B 209 -19.09 0.68 -6.64
C LEU B 209 -20.25 0.08 -5.87
N VAL B 210 -20.08 -0.16 -4.57
CA VAL B 210 -21.14 -0.73 -3.76
C VAL B 210 -22.34 0.22 -3.73
N ALA B 211 -22.09 1.53 -3.56
CA ALA B 211 -23.18 2.49 -3.52
C ALA B 211 -23.94 2.54 -4.84
N ALA B 212 -23.21 2.47 -5.96
CA ALA B 212 -23.85 2.46 -7.27
C ALA B 212 -24.78 1.27 -7.43
N LYS B 213 -24.28 0.06 -7.13
CA LYS B 213 -25.11 -1.13 -7.26
C LYS B 213 -26.28 -1.10 -6.30
N ARG B 214 -26.10 -0.50 -5.12
CA ARG B 214 -27.21 -0.36 -4.18
C ARG B 214 -28.31 0.53 -4.75
N ALA B 215 -27.95 1.49 -5.60
CA ALA B 215 -28.95 2.33 -6.26
C ALA B 215 -29.53 1.64 -7.49
N GLU B 216 -28.69 1.00 -8.28
CA GLU B 216 -29.09 0.38 -9.54
C GLU B 216 -28.49 -1.01 -9.61
N PRO B 217 -29.20 -2.02 -9.10
CA PRO B 217 -28.61 -3.36 -9.01
C PRO B 217 -28.56 -4.05 -10.36
N GLY B 218 -27.59 -4.95 -10.49
CA GLY B 218 -27.48 -5.81 -11.66
C GLY B 218 -27.45 -7.28 -11.29
N HIS B 219 -27.01 -8.13 -12.21
CA HIS B 219 -26.87 -9.55 -11.96
C HIS B 219 -25.47 -9.91 -11.47
N ASP B 220 -24.71 -8.94 -10.99
CA ASP B 220 -23.35 -9.15 -10.51
C ASP B 220 -23.36 -9.65 -9.07
N LEU B 221 -22.21 -10.19 -8.65
CA LEU B 221 -22.10 -10.74 -7.30
C LEU B 221 -22.29 -9.66 -6.24
N LEU B 222 -21.80 -8.45 -6.51
CA LEU B 222 -21.91 -7.39 -5.51
C LEU B 222 -23.36 -6.97 -5.32
N SER B 223 -24.13 -6.87 -6.41
CA SER B 223 -25.55 -6.58 -6.29
C SER B 223 -26.27 -7.69 -5.53
N GLY B 224 -25.93 -8.95 -5.83
CA GLY B 224 -26.55 -10.06 -5.12
C GLY B 224 -26.20 -10.06 -3.65
N LEU B 225 -24.94 -9.76 -3.31
CA LEU B 225 -24.54 -9.69 -1.91
C LEU B 225 -25.22 -8.53 -1.19
N ILE B 226 -25.44 -7.42 -1.89
CA ILE B 226 -26.23 -6.32 -1.32
C ILE B 226 -27.63 -6.80 -1.01
N ALA B 227 -28.18 -7.69 -1.85
CA ALA B 227 -29.55 -8.16 -1.69
C ALA B 227 -29.69 -9.25 -0.64
N VAL B 228 -28.59 -9.91 -0.26
CA VAL B 228 -28.68 -11.08 0.60
C VAL B 228 -29.24 -10.69 1.97
N ARG B 229 -30.21 -11.45 2.46
CA ARG B 229 -30.86 -11.22 3.75
C ARG B 229 -31.02 -12.55 4.46
N ASP B 230 -30.41 -12.67 5.64
CA ASP B 230 -30.70 -13.78 6.55
C ASP B 230 -31.69 -13.26 7.58
N ASP B 231 -32.97 -13.25 7.20
CA ASP B 231 -34.03 -12.54 7.92
C ASP B 231 -33.61 -11.08 7.98
N GLU B 232 -33.51 -10.46 9.16
CA GLU B 232 -33.14 -9.06 9.24
C GLU B 232 -31.66 -8.80 9.03
N ASP B 233 -30.83 -9.85 8.99
CA ASP B 233 -29.39 -9.66 8.87
C ASP B 233 -29.03 -9.30 7.44
N ARG B 234 -28.21 -8.26 7.29
CA ARG B 234 -27.72 -7.78 6.01
C ARG B 234 -26.23 -7.55 6.11
N LEU B 235 -25.54 -7.66 4.97
CA LEU B 235 -24.12 -7.38 4.93
C LEU B 235 -23.89 -5.87 4.94
N SER B 236 -22.97 -5.42 5.78
CA SER B 236 -22.66 -4.00 5.84
C SER B 236 -21.82 -3.58 4.64
N GLU B 237 -21.71 -2.26 4.44
CA GLU B 237 -20.89 -1.76 3.34
C GLU B 237 -19.43 -2.09 3.55
N ALA B 238 -18.95 -1.97 4.80
CA ALA B 238 -17.59 -2.38 5.11
C ALA B 238 -17.37 -3.84 4.76
N GLU B 239 -18.30 -4.71 5.16
CA GLU B 239 -18.19 -6.13 4.84
C GLU B 239 -18.18 -6.35 3.33
N LEU B 240 -19.01 -5.61 2.60
CA LEU B 240 -19.05 -5.74 1.14
C LEU B 240 -17.73 -5.31 0.52
N VAL B 241 -17.18 -4.18 0.98
CA VAL B 241 -15.92 -3.70 0.44
C VAL B 241 -14.78 -4.67 0.76
N SER B 242 -14.72 -5.15 2.00
CA SER B 242 -13.68 -6.09 2.38
C SER B 242 -13.80 -7.40 1.61
N MET B 243 -15.03 -7.86 1.38
CA MET B 243 -15.23 -9.04 0.55
C MET B 243 -14.75 -8.81 -0.88
N ALA B 244 -14.96 -7.59 -1.41
CA ALA B 244 -14.48 -7.27 -2.74
C ALA B 244 -12.95 -7.31 -2.80
N PHE B 245 -12.29 -6.75 -1.79
CA PHE B 245 -10.83 -6.83 -1.72
C PHE B 245 -10.36 -8.28 -1.69
N LEU B 246 -11.05 -9.10 -0.90
CA LEU B 246 -10.73 -10.52 -0.84
C LEU B 246 -10.84 -11.17 -2.21
N ALA B 247 -11.91 -10.84 -2.94
CA ALA B 247 -12.08 -11.40 -4.28
C ALA B 247 -10.96 -10.95 -5.22
N LEU B 248 -10.45 -9.73 -5.02
CA LEU B 248 -9.35 -9.26 -5.86
C LEU B 248 -8.07 -10.03 -5.57
N TRP B 249 -7.71 -10.16 -4.28
CA TRP B 249 -6.53 -10.93 -3.90
C TRP B 249 -6.55 -12.33 -4.52
N ALA B 250 -7.64 -13.05 -4.30
CA ALA B 250 -7.72 -14.43 -4.78
C ALA B 250 -8.05 -14.49 -6.26
N GLY B 251 -9.06 -13.73 -6.70
CA GLY B 251 -9.52 -13.81 -8.07
C GLY B 251 -8.56 -13.21 -9.09
N TYR B 252 -7.65 -12.35 -8.65
CA TYR B 252 -6.64 -11.79 -9.54
C TYR B 252 -5.23 -12.23 -9.17
N GLU B 253 -4.74 -11.90 -7.97
CA GLU B 253 -3.33 -12.12 -7.68
C GLU B 253 -2.98 -13.60 -7.71
N ASN B 254 -3.81 -14.45 -7.11
CA ASN B 254 -3.52 -15.88 -7.12
C ASN B 254 -3.67 -16.47 -8.52
N LEU B 255 -4.71 -16.06 -9.25
CA LEU B 255 -4.99 -16.73 -10.52
C LEU B 255 -3.97 -16.39 -11.59
N VAL B 256 -3.51 -15.15 -11.63
CA VAL B 256 -2.52 -14.75 -12.64
C VAL B 256 -1.30 -15.65 -12.61
N HIS B 257 -0.85 -15.99 -11.40
CA HIS B 257 0.39 -16.74 -11.26
C HIS B 257 0.19 -18.24 -11.27
N LEU B 258 -0.99 -18.73 -10.86
CA LEU B 258 -1.34 -20.11 -11.17
C LEU B 258 -1.14 -20.40 -12.65
N ILE B 259 -1.62 -19.50 -13.51
CA ILE B 259 -1.51 -19.69 -14.95
C ILE B 259 -0.06 -19.51 -15.41
N GLY B 260 0.59 -18.43 -14.94
CA GLY B 260 1.94 -18.15 -15.38
C GLY B 260 2.94 -19.22 -14.97
N ASN B 261 2.93 -19.58 -13.69
CA ASN B 261 3.79 -20.67 -13.23
C ASN B 261 3.47 -21.98 -13.91
N GLY B 262 2.19 -22.21 -14.25
CA GLY B 262 1.82 -23.45 -14.91
C GLY B 262 2.41 -23.56 -16.30
N VAL B 263 2.45 -22.45 -17.04
CA VAL B 263 3.02 -22.48 -18.38
C VAL B 263 4.52 -22.71 -18.32
N ARG B 264 5.21 -22.03 -17.40
CA ARG B 264 6.63 -22.31 -17.19
C ARG B 264 6.85 -23.78 -16.85
N ALA B 265 6.02 -24.33 -15.95
CA ALA B 265 6.14 -25.72 -15.57
C ALA B 265 6.06 -26.63 -16.79
N LEU B 266 5.11 -26.36 -17.68
CA LEU B 266 4.97 -27.15 -18.89
C LEU B 266 6.18 -26.98 -19.80
N LEU B 267 6.61 -25.74 -20.00
CA LEU B 267 7.81 -25.48 -20.80
C LEU B 267 9.04 -26.15 -20.20
N ALA B 268 9.03 -26.36 -18.88
CA ALA B 268 10.15 -27.03 -18.23
C ALA B 268 10.05 -28.55 -18.36
N ALA B 269 8.84 -29.09 -18.41
CA ALA B 269 8.63 -30.53 -18.56
C ALA B 269 8.01 -30.81 -19.92
N PRO B 270 8.81 -30.81 -20.99
CA PRO B 270 8.22 -30.88 -22.34
C PRO B 270 7.44 -32.15 -22.62
N ASP B 271 7.75 -33.26 -21.92
CA ASP B 271 7.00 -34.49 -22.15
C ASP B 271 5.64 -34.46 -21.48
N GLN B 272 5.54 -33.79 -20.32
CA GLN B 272 4.24 -33.59 -19.70
C GLN B 272 3.27 -32.87 -20.63
N LEU B 273 3.78 -31.86 -21.34
CA LEU B 273 2.93 -31.06 -22.26
C LEU B 273 2.50 -31.94 -23.44
N ALA B 274 3.42 -32.71 -24.01
CA ALA B 274 3.06 -33.65 -25.10
C ALA B 274 1.79 -34.43 -24.76
N ASP B 275 1.76 -35.12 -23.62
CA ASP B 275 0.59 -35.98 -23.28
C ASP B 275 -0.65 -35.13 -23.01
N LEU B 276 -0.48 -33.87 -22.61
CA LEU B 276 -1.67 -33.02 -22.43
C LEU B 276 -2.18 -32.60 -23.81
N ARG B 277 -1.27 -32.25 -24.70
CA ARG B 277 -1.69 -31.72 -26.04
C ARG B 277 -2.49 -32.82 -26.76
N SER B 278 -2.33 -34.06 -26.35
CA SER B 278 -2.97 -35.18 -27.04
C SER B 278 -4.27 -35.63 -26.39
N ASP B 279 -4.31 -35.71 -25.07
CA ASP B 279 -5.49 -36.19 -24.34
C ASP B 279 -6.17 -34.98 -23.73
N GLU B 280 -7.20 -34.47 -24.40
CA GLU B 280 -7.96 -33.32 -23.91
C GLU B 280 -8.82 -33.66 -22.69
N ALA B 281 -8.87 -34.94 -22.34
CA ALA B 281 -9.62 -35.34 -21.14
C ALA B 281 -8.72 -35.19 -19.91
N LEU B 282 -7.43 -34.93 -20.14
CA LEU B 282 -6.47 -34.86 -19.02
C LEU B 282 -6.46 -33.43 -18.46
N LEU B 283 -6.88 -32.46 -19.27
CA LEU B 283 -6.80 -31.03 -18.84
C LEU B 283 -7.20 -30.88 -17.37
N PRO B 284 -8.40 -31.25 -16.90
CA PRO B 284 -8.74 -31.03 -15.50
C PRO B 284 -7.69 -31.58 -14.52
N ARG B 285 -7.09 -32.73 -14.82
CA ARG B 285 -6.13 -33.38 -13.90
C ARG B 285 -4.79 -32.67 -13.99
N ALA B 286 -4.39 -32.30 -15.20
CA ALA B 286 -3.10 -31.63 -15.42
C ALA B 286 -3.11 -30.29 -14.67
N ILE B 287 -4.25 -29.61 -14.66
CA ILE B 287 -4.41 -28.32 -13.93
C ILE B 287 -4.19 -28.57 -12.42
N GLU B 288 -4.85 -29.59 -11.87
CA GLU B 288 -4.64 -29.93 -10.44
C GLU B 288 -3.16 -30.19 -10.16
N GLU B 289 -2.47 -30.80 -11.11
CA GLU B 289 -1.04 -31.10 -10.91
C GLU B 289 -0.17 -29.83 -11.08
N LEU B 290 -0.55 -28.96 -12.01
CA LEU B 290 0.23 -27.70 -12.21
C LEU B 290 -0.02 -26.81 -10.98
N THR B 291 -1.19 -26.94 -10.38
CA THR B 291 -1.51 -26.18 -9.15
C THR B 291 -0.57 -26.68 -8.04
N ARG B 292 -0.68 -27.95 -7.68
CA ARG B 292 0.17 -28.51 -6.63
C ARG B 292 1.64 -28.18 -6.86
N PHE B 293 2.08 -28.21 -8.13
CA PHE B 293 3.50 -28.08 -8.42
C PHE B 293 4.01 -26.66 -8.18
N ASP B 294 3.22 -25.64 -8.53
CA ASP B 294 3.73 -24.27 -8.43
C ASP B 294 2.63 -23.20 -8.28
N GLN B 295 1.48 -23.57 -7.73
CA GLN B 295 0.52 -22.57 -7.30
C GLN B 295 1.20 -21.48 -6.45
N PRO B 296 0.63 -20.27 -6.42
CA PRO B 296 1.38 -19.13 -5.85
C PRO B 296 1.43 -19.05 -4.33
N LEU B 297 0.37 -19.51 -3.66
CA LEU B 297 0.22 -19.26 -2.22
C LEU B 297 1.19 -20.14 -1.42
N GLN B 298 2.23 -19.52 -0.88
CA GLN B 298 3.23 -20.27 -0.12
C GLN B 298 2.79 -20.50 1.32
N TRP B 299 2.09 -19.54 1.92
CA TRP B 299 1.66 -19.64 3.30
C TRP B 299 0.17 -19.33 3.38
N ALA B 300 -0.50 -19.99 4.31
CA ALA B 300 -1.84 -19.59 4.68
C ALA B 300 -1.80 -18.25 5.44
N ILE B 301 -2.99 -17.71 5.70
CA ILE B 301 -3.08 -16.45 6.49
C ILE B 301 -2.56 -16.77 7.91
N ARG B 302 -1.84 -15.84 8.49
CA ARG B 302 -1.24 -16.06 9.83
C ARG B 302 -2.29 -16.56 10.83
N ARG B 303 -1.87 -17.50 11.68
CA ARG B 303 -2.78 -18.05 12.72
C ARG B 303 -2.14 -17.84 14.10
N PHE B 304 -2.97 -17.74 15.13
CA PHE B 304 -2.49 -17.51 16.51
C PHE B 304 -3.06 -18.60 17.42
N PRO B 305 -2.21 -19.43 18.04
CA PRO B 305 -2.72 -20.41 18.97
C PRO B 305 -3.50 -19.69 20.07
N THR B 306 -4.73 -20.13 20.32
CA THR B 306 -5.52 -19.61 21.44
C THR B 306 -5.06 -20.18 22.77
N ARG B 307 -4.20 -21.19 22.73
CA ARG B 307 -3.67 -21.86 23.91
C ARG B 307 -2.34 -22.47 23.50
N GLU B 308 -1.54 -22.82 24.50
CA GLU B 308 -0.34 -23.60 24.22
C GLU B 308 -0.74 -24.86 23.47
N LEU B 309 -0.05 -25.13 22.36
CA LEU B 309 -0.45 -26.21 21.48
C LEU B 309 0.78 -26.92 20.94
N ASP B 310 0.59 -28.20 20.66
CA ASP B 310 1.70 -29.02 20.13
C ASP B 310 1.54 -29.17 18.62
N ILE B 311 2.56 -28.75 17.89
CA ILE B 311 2.55 -28.92 16.41
C ILE B 311 3.76 -29.80 16.06
N ALA B 312 3.52 -30.90 15.36
CA ALA B 312 4.63 -31.79 14.96
C ALA B 312 5.47 -32.11 16.19
N GLY B 313 4.85 -32.17 17.37
CA GLY B 313 5.57 -32.53 18.60
C GLY B 313 6.37 -31.41 19.23
N VAL B 314 6.00 -30.15 18.97
CA VAL B 314 6.70 -29.03 19.66
C VAL B 314 5.66 -28.07 20.23
N GLU B 315 5.79 -27.70 21.51
CA GLU B 315 4.79 -26.84 22.15
C GLU B 315 4.96 -25.40 21.69
N VAL B 316 3.91 -24.87 21.06
CA VAL B 316 3.91 -23.49 20.57
C VAL B 316 3.13 -22.63 21.57
N PRO B 317 3.67 -21.49 22.00
CA PRO B 317 2.96 -20.66 22.97
C PRO B 317 1.71 -20.03 22.39
N ALA B 318 0.81 -19.63 23.28
CA ALA B 318 -0.40 -18.93 22.86
C ALA B 318 -0.06 -17.53 22.36
N GLY B 319 -0.62 -17.16 21.21
CA GLY B 319 -0.42 -15.84 20.65
C GLY B 319 0.74 -15.70 19.70
N ASP B 320 1.60 -16.72 19.60
CA ASP B 320 2.70 -16.67 18.64
C ASP B 320 2.15 -16.76 17.22
N THR B 321 2.92 -16.27 16.27
CA THR B 321 2.48 -16.29 14.87
C THR B 321 2.83 -17.65 14.25
N VAL B 322 1.83 -18.33 13.72
CA VAL B 322 1.98 -19.66 13.11
C VAL B 322 1.69 -19.55 11.63
N LEU B 323 2.65 -19.98 10.80
CA LEU B 323 2.56 -19.87 9.34
C LEU B 323 2.52 -21.29 8.77
N LEU B 324 1.38 -21.65 8.19
CA LEU B 324 1.18 -22.98 7.63
C LEU B 324 1.62 -22.98 6.17
N GLY B 325 2.56 -23.86 5.84
CA GLY B 325 3.14 -23.89 4.51
C GLY B 325 2.37 -24.74 3.52
N ILE B 326 1.40 -24.12 2.81
CA ILE B 326 0.61 -24.85 1.83
C ILE B 326 1.51 -25.36 0.71
N ALA B 327 2.40 -24.49 0.22
CA ALA B 327 3.27 -24.87 -0.90
C ALA B 327 4.22 -26.00 -0.51
N SER B 328 4.88 -25.87 0.64
CA SER B 328 5.76 -26.94 1.10
C SER B 328 4.98 -28.23 1.31
N ALA B 329 3.78 -28.13 1.89
CA ALA B 329 2.94 -29.31 2.09
C ALA B 329 2.56 -29.94 0.76
N ASN B 330 2.28 -29.11 -0.26
CA ASN B 330 1.97 -29.63 -1.59
C ASN B 330 3.13 -30.39 -2.22
N HIS B 331 4.30 -30.27 -1.60
CA HIS B 331 5.50 -31.01 -2.11
C HIS B 331 5.98 -31.97 -1.01
N ASP B 332 5.03 -32.57 -0.26
CA ASP B 332 5.39 -33.49 0.83
C ASP B 332 5.65 -34.90 0.28
N GLU B 333 6.87 -35.40 0.43
CA GLU B 333 7.23 -36.75 -0.08
C GLU B 333 6.42 -37.83 0.64
N THR B 334 5.81 -37.51 1.78
CA THR B 334 5.03 -38.49 2.60
C THR B 334 3.62 -38.69 2.02
N VAL B 335 3.22 -37.82 1.08
CA VAL B 335 1.87 -37.92 0.45
C VAL B 335 2.03 -37.89 -1.08
N PHE B 336 3.10 -37.26 -1.56
CA PHE B 336 3.30 -37.12 -3.00
C PHE B 336 4.59 -37.82 -3.40
N ASP B 337 4.49 -38.78 -4.30
CA ASP B 337 5.67 -39.43 -4.85
C ASP B 337 6.34 -38.51 -5.86
N LEU B 338 7.66 -38.41 -5.75
CA LEU B 338 8.47 -37.50 -6.58
C LEU B 338 7.85 -36.11 -6.60
N PRO B 339 7.65 -35.48 -5.43
CA PRO B 339 6.85 -34.24 -5.39
C PRO B 339 7.50 -33.08 -6.12
N ASP B 340 8.79 -33.17 -6.44
CA ASP B 340 9.48 -32.14 -7.20
C ASP B 340 9.53 -32.46 -8.69
N THR B 341 8.77 -33.43 -9.16
CA THR B 341 8.68 -33.78 -10.57
C THR B 341 7.23 -33.60 -11.02
N LEU B 342 7.04 -32.92 -12.15
CA LEU B 342 5.67 -32.67 -12.67
C LEU B 342 5.12 -33.97 -13.25
N ASP B 343 4.02 -34.46 -12.68
CA ASP B 343 3.37 -35.68 -13.21
C ASP B 343 1.91 -35.33 -13.44
N LEU B 344 1.56 -34.90 -14.64
CA LEU B 344 0.18 -34.40 -14.89
C LEU B 344 -0.85 -35.50 -14.67
N ARG B 345 -0.41 -36.77 -14.57
CA ARG B 345 -1.38 -37.90 -14.45
C ARG B 345 -1.54 -38.29 -12.98
N ARG B 346 -1.03 -37.47 -12.06
CA ARG B 346 -1.26 -37.70 -10.62
C ARG B 346 -2.78 -37.72 -10.44
N ASP B 347 -3.38 -38.90 -10.30
CA ASP B 347 -4.87 -38.99 -10.29
C ASP B 347 -5.19 -38.58 -8.84
N PRO B 348 -4.75 -39.31 -7.78
CA PRO B 348 -4.97 -38.84 -6.41
C PRO B 348 -4.13 -37.57 -6.13
N ASN B 349 -4.79 -36.41 -5.97
CA ASN B 349 -4.07 -35.13 -5.72
C ASN B 349 -4.75 -34.40 -4.56
N PRO B 350 -4.47 -34.78 -3.30
CA PRO B 350 -5.10 -34.17 -2.15
C PRO B 350 -4.38 -32.86 -1.79
N HIS B 351 -4.12 -32.01 -2.79
CA HIS B 351 -3.38 -30.76 -2.53
C HIS B 351 -4.29 -29.84 -1.71
N LEU B 352 -3.67 -28.88 -1.01
CA LEU B 352 -4.46 -27.99 -0.11
C LEU B 352 -4.39 -26.55 -0.62
N SER B 353 -4.14 -26.39 -1.91
CA SER B 353 -3.95 -25.05 -2.47
C SER B 353 -5.14 -24.13 -2.21
N TYR B 354 -6.32 -24.71 -1.97
CA TYR B 354 -7.52 -23.94 -1.71
C TYR B 354 -7.93 -23.99 -0.24
N GLY B 355 -7.00 -24.32 0.65
CA GLY B 355 -7.29 -24.36 2.07
C GLY B 355 -8.02 -25.63 2.48
N HIS B 356 -8.47 -25.61 3.73
CA HIS B 356 -9.12 -26.76 4.34
C HIS B 356 -9.83 -26.31 5.60
N GLY B 357 -11.06 -26.78 5.78
CA GLY B 357 -11.85 -26.39 6.95
C GLY B 357 -12.80 -25.25 6.67
N ILE B 358 -13.15 -24.49 7.71
CA ILE B 358 -14.15 -23.44 7.58
C ILE B 358 -13.68 -22.32 6.65
N HIS B 359 -12.37 -22.12 6.54
CA HIS B 359 -11.83 -21.06 5.70
C HIS B 359 -11.50 -21.53 4.29
N ARG B 360 -11.98 -22.71 3.90
CA ARG B 360 -11.77 -23.24 2.56
C ARG B 360 -12.18 -22.23 1.50
N SER B 361 -11.38 -22.15 0.44
CA SER B 361 -11.57 -21.12 -0.59
C SER B 361 -12.96 -21.19 -1.20
N PHE B 362 -13.54 -20.02 -1.48
CA PHE B 362 -14.80 -19.92 -2.20
C PHE B 362 -14.64 -20.11 -3.70
N GLY B 363 -13.41 -20.08 -4.22
CA GLY B 363 -13.20 -20.01 -5.65
C GLY B 363 -12.36 -21.11 -6.25
N SER B 364 -12.45 -22.32 -5.68
CA SER B 364 -11.80 -23.46 -6.31
C SER B 364 -12.38 -23.70 -7.70
N ARG B 365 -13.71 -23.67 -7.83
CA ARG B 365 -14.34 -23.92 -9.12
C ARG B 365 -14.00 -22.83 -10.12
N LEU B 366 -14.15 -21.56 -9.72
CA LEU B 366 -13.81 -20.44 -10.60
C LEU B 366 -12.37 -20.52 -11.07
N SER B 367 -11.47 -20.81 -10.13
CA SER B 367 -10.05 -20.95 -10.50
C SER B 367 -9.89 -22.04 -11.57
N GLN B 368 -10.46 -23.20 -11.31
CA GLN B 368 -10.32 -24.34 -12.25
C GLN B 368 -10.85 -23.96 -13.64
N ALA B 369 -12.00 -23.29 -13.70
CA ALA B 369 -12.61 -22.93 -15.00
C ALA B 369 -11.72 -21.93 -15.73
N GLU B 370 -11.26 -20.92 -15.01
CA GLU B 370 -10.40 -19.91 -15.62
C GLU B 370 -9.09 -20.54 -16.11
N ALA B 371 -8.51 -21.43 -15.30
CA ALA B 371 -7.28 -22.10 -15.68
C ALA B 371 -7.47 -22.95 -16.93
N ALA B 372 -8.56 -23.73 -16.97
CA ALA B 372 -8.84 -24.56 -18.13
C ALA B 372 -8.96 -23.73 -19.39
N ALA B 373 -9.67 -22.60 -19.32
CA ALA B 373 -9.82 -21.73 -20.48
C ALA B 373 -8.47 -21.19 -20.96
N ALA B 374 -7.60 -20.82 -20.01
CA ALA B 374 -6.29 -20.31 -20.39
C ALA B 374 -5.45 -21.38 -21.07
N PHE B 375 -5.32 -22.55 -20.44
CA PHE B 375 -4.46 -23.59 -21.00
C PHE B 375 -5.05 -24.17 -22.28
N SER B 376 -6.36 -24.38 -22.32
CA SER B 376 -6.99 -24.87 -23.54
C SER B 376 -6.71 -23.96 -24.72
N ALA B 377 -6.89 -22.64 -24.53
CA ALA B 377 -6.63 -21.72 -25.63
C ALA B 377 -5.16 -21.72 -26.04
N LEU B 378 -4.26 -21.74 -25.05
CA LEU B 378 -2.81 -21.80 -25.38
C LEU B 378 -2.49 -23.08 -26.16
N LEU B 379 -3.06 -24.19 -25.73
CA LEU B 379 -2.76 -25.50 -26.38
C LEU B 379 -3.16 -25.46 -27.85
N ALA B 380 -4.26 -24.77 -28.20
CA ALA B 380 -4.74 -24.69 -29.60
C ALA B 380 -3.90 -23.73 -30.44
N ARG B 381 -3.28 -22.72 -29.83
CA ARG B 381 -2.50 -21.72 -30.58
C ARG B 381 -1.07 -22.21 -30.74
N GLY B 382 -0.54 -22.92 -29.74
CA GLY B 382 0.86 -23.37 -29.77
C GLY B 382 1.77 -22.36 -29.11
N PHE B 383 2.40 -22.72 -27.98
CA PHE B 383 3.24 -21.75 -27.23
C PHE B 383 4.64 -22.35 -27.03
N ARG B 384 5.68 -21.51 -27.19
CA ARG B 384 7.09 -21.97 -27.02
C ARG B 384 7.88 -20.86 -26.33
N ALA B 385 9.00 -21.19 -25.68
CA ALA B 385 9.73 -20.17 -24.96
C ALA B 385 10.47 -19.24 -25.91
N ALA B 386 10.43 -17.94 -25.61
CA ALA B 386 11.24 -16.95 -26.33
C ALA B 386 12.61 -16.77 -25.73
N VAL B 387 12.74 -17.06 -24.44
CA VAL B 387 13.97 -16.84 -23.69
C VAL B 387 14.31 -18.14 -22.97
N ASP B 388 15.60 -18.34 -22.72
CA ASP B 388 16.01 -19.45 -21.87
C ASP B 388 15.32 -19.33 -20.52
N LEU B 389 14.66 -20.41 -20.09
CA LEU B 389 13.93 -20.39 -18.83
C LEU B 389 14.83 -19.95 -17.68
N ALA B 390 16.13 -20.24 -17.76
CA ALA B 390 17.08 -19.81 -16.74
C ALA B 390 17.30 -18.30 -16.75
N ASP B 391 16.73 -17.56 -17.71
CA ASP B 391 16.82 -16.11 -17.73
C ASP B 391 15.54 -15.45 -17.23
N LEU B 392 14.62 -16.22 -16.68
CA LEU B 392 13.35 -15.67 -16.14
C LEU B 392 13.57 -15.09 -14.73
N GLN B 393 12.73 -14.14 -14.33
CA GLN B 393 12.88 -13.48 -13.01
C GLN B 393 11.58 -13.63 -12.21
N TRP B 394 11.71 -13.85 -10.90
CA TRP B 394 10.54 -14.06 -10.02
C TRP B 394 10.23 -12.81 -9.19
N GLN B 395 8.98 -12.66 -8.77
CA GLN B 395 8.55 -11.49 -7.97
C GLN B 395 9.22 -11.50 -6.60
N PRO B 396 9.63 -10.34 -6.07
CA PRO B 396 10.14 -10.28 -4.70
C PRO B 396 8.97 -10.38 -3.72
N SER B 397 8.55 -11.60 -3.39
CA SER B 397 7.45 -11.80 -2.45
C SER B 397 7.74 -13.05 -1.62
N PHE B 398 7.19 -13.05 -0.41
CA PHE B 398 7.37 -14.15 0.54
C PHE B 398 6.19 -15.11 0.55
N ARG B 399 5.02 -14.67 0.07
CA ARG B 399 3.82 -15.50 0.09
C ARG B 399 3.29 -15.86 -1.28
N ASN B 400 3.52 -15.03 -2.30
CA ASN B 400 2.96 -15.27 -3.64
C ASN B 400 4.08 -15.35 -4.67
N ARG B 401 4.33 -16.57 -5.13
CA ARG B 401 5.38 -16.85 -6.11
C ARG B 401 4.84 -16.64 -7.52
N GLY B 402 5.58 -15.88 -8.32
CA GLY B 402 5.17 -15.61 -9.69
C GLY B 402 6.26 -14.92 -10.45
N LEU B 403 6.20 -15.05 -11.77
CA LEU B 403 7.24 -14.50 -12.63
C LEU B 403 6.97 -13.03 -12.93
N THR B 404 8.05 -12.29 -13.17
CA THR B 404 7.90 -10.91 -13.63
C THR B 404 7.33 -10.86 -15.03
N GLU B 405 7.69 -11.84 -15.86
CA GLU B 405 7.28 -11.91 -17.26
C GLU B 405 7.57 -13.32 -17.75
N LEU B 406 6.98 -13.68 -18.88
CA LEU B 406 7.22 -14.98 -19.50
C LEU B 406 7.21 -14.79 -21.01
N PRO B 407 8.36 -14.49 -21.65
CA PRO B 407 8.41 -14.24 -23.08
C PRO B 407 8.08 -15.53 -23.84
N LEU B 408 7.00 -15.51 -24.61
CA LEU B 408 6.57 -16.73 -25.33
C LEU B 408 6.54 -16.50 -26.83
N LEU B 409 6.53 -17.59 -27.58
CA LEU B 409 6.39 -17.49 -29.05
C LEU B 409 5.11 -18.26 -29.38
N LEU B 410 4.11 -17.57 -29.90
CA LEU B 410 2.81 -18.22 -30.21
C LEU B 410 2.81 -18.73 -31.65
N GLY B 411 1.98 -19.73 -31.93
CA GLY B 411 1.90 -20.30 -33.28
C GLY B 411 0.59 -19.98 -33.97
CHA HEM C . -3.12 19.54 5.85
CHB HEM C . -1.67 17.81 10.13
CHC HEM C . 2.93 18.93 9.04
CHD HEM C . 1.47 20.68 4.78
C1A HEM C . -3.08 18.95 7.08
C2A HEM C . -4.21 18.39 7.71
C3A HEM C . -3.82 17.92 8.92
C4A HEM C . -2.44 18.16 9.04
CMA HEM C . -4.68 17.23 9.93
CAA HEM C . -5.60 18.36 7.16
CBA HEM C . -6.28 19.67 7.54
CGA HEM C . -7.62 19.76 6.88
O1A HEM C . -8.55 20.36 7.46
O2A HEM C . -7.82 19.24 5.76
C1B HEM C . -0.30 17.98 10.16
C2B HEM C . 0.48 17.55 11.27
C3B HEM C . 1.77 17.86 10.99
C4B HEM C . 1.77 18.49 9.66
CMB HEM C . -0.03 16.90 12.51
CAB HEM C . 2.93 17.59 11.87
CBB HEM C . 3.69 18.57 12.32
C1C HEM C . 2.94 19.43 7.75
C2C HEM C . 4.09 19.67 6.99
C3C HEM C . 3.67 20.18 5.78
C4C HEM C . 2.26 20.24 5.81
CMC HEM C . 5.51 19.43 7.45
CAC HEM C . 4.55 20.58 4.66
CBC HEM C . 5.25 21.70 4.74
C1D HEM C . 0.09 20.49 4.77
C2D HEM C . -0.72 20.90 3.61
C3D HEM C . -1.99 20.58 3.90
C4D HEM C . -1.95 19.98 5.24
CMD HEM C . -0.21 21.54 2.35
CAD HEM C . -3.21 20.79 3.06
CBD HEM C . -3.32 19.79 1.91
CGD HEM C . -4.32 20.32 0.91
O1D HEM C . -4.44 19.78 -0.20
O2D HEM C . -5.04 21.30 1.20
NA HEM C . -2.00 18.79 7.91
NB HEM C . 0.50 18.53 9.23
NC HEM C . 1.84 19.77 7.03
ND HEM C . -0.69 19.94 5.70
FE HEM C . -0.16 19.29 7.37
C FMT D . 12.02 12.99 26.21
O1 FMT D . 12.59 11.89 26.25
O2 FMT D . 11.23 13.39 27.08
C1 1BO E . -15.31 10.80 0.91
C2 1BO E . -16.55 11.10 0.08
C3 1BO E . -16.58 10.23 -1.18
C4 1BO E . -17.99 10.23 -1.76
OH 1BO E . -18.17 9.12 -2.59
C1 1BO F . -0.81 7.66 5.39
C2 1BO F . -0.50 7.93 3.93
C3 1BO F . -0.87 6.78 3.03
C4 1BO F . -1.23 5.52 3.76
OH 1BO F . -2.64 5.33 3.85
C FMT G . 7.53 31.67 13.38
O1 FMT G . 7.98 31.94 14.50
O2 FMT G . 8.05 32.03 12.33
CHA HEM H . -9.79 -18.38 0.91
CHB HEM H . -12.07 -16.54 -2.96
CHC HEM H . -9.02 -18.96 -5.89
CHD HEM H . -6.46 -20.30 -2.03
C1A HEM H . -10.66 -17.70 0.09
C2A HEM H . -11.73 -16.93 0.55
C3A HEM H . -12.38 -16.40 -0.52
C4A HEM H . -11.70 -16.85 -1.67
CMA HEM H . -13.58 -15.51 -0.49
CAA HEM H . -12.10 -16.72 2.00
CBA HEM H . -12.95 -17.91 2.44
CGA HEM H . -13.15 -17.89 3.93
O1A HEM H . -14.23 -18.27 4.40
O2A HEM H . -12.23 -17.49 4.68
C1B HEM H . -11.42 -17.08 -4.07
C2B HEM H . -11.86 -16.84 -5.39
C3B HEM H . -11.01 -17.51 -6.24
C4B HEM H . -10.04 -18.18 -5.37
CMB HEM H . -13.05 -15.99 -5.75
CAB HEM H . -11.02 -17.63 -7.71
CBB HEM H . -11.30 -16.62 -8.53
C1C HEM H . -7.99 -19.41 -5.09
C2C HEM H . -6.72 -19.75 -5.54
C3C HEM H . -5.98 -20.14 -4.44
C4C HEM H . -6.83 -20.01 -3.31
CMC HEM H . -6.25 -19.71 -6.99
CAC HEM H . -4.58 -20.60 -4.44
CBC HEM H . -3.60 -19.70 -4.42
C1D HEM H . -7.21 -19.90 -0.93
C2D HEM H . -6.80 -20.23 0.43
C3D HEM H . -7.72 -19.70 1.25
C4D HEM H . -8.70 -19.04 0.38
CMD HEM H . -5.59 -21.03 0.82
CAD HEM H . -7.77 -19.76 2.75
CBD HEM H . -6.66 -18.92 3.40
CGD HEM H . -6.42 -19.46 4.79
O1D HEM H . -7.18 -20.34 5.26
O2D HEM H . -5.48 -19.02 5.48
NA HEM H . -10.65 -17.63 -1.29
NB HEM H . -10.34 -17.88 -4.09
NC HEM H . -8.04 -19.55 -3.73
ND HEM H . -8.35 -19.18 -0.91
FE HEM H . -9.29 -18.54 -2.39
#